data_6EQS
#
_entry.id   6EQS
#
_cell.length_a   40.326
_cell.length_b   55.969
_cell.length_c   123.034
_cell.angle_alpha   97.39
_cell.angle_beta   99.29
_cell.angle_gamma   90.52
#
_symmetry.space_group_name_H-M   'P 1'
#
loop_
_entity.id
_entity.type
_entity.pdbx_description
1 polymer 'NAD-dependent protein deacylase sirtuin-5, mitochondrial'
2 non-polymer 'ZINC ION'
3 non-polymer '3-[[(~{Z})-~{C}-[(2~{R},3~{R},4~{S},5~{R})-5-[[[[(2~{R},3~{S},4~{R},5~{R})-5-(6-aminopurin-9-yl)-3,4-bis(oxidanyl)oxolan-2-yl]methoxy-oxidanyl-phosphoryl]oxy-oxidanyl-phosphoryl]oxymethyl]-3,4-bis(oxidanyl)oxolan-2-yl]sulfanyl-~{N}-[(5~{S})-6-[[(2~{S})-3-(1~{H}-indol-3-yl)-1-oxidanylidene-1-(propan-2-ylamino)propan-2-yl]amino]-6-oxidanylidene-5-(phenylmethoxycarbonylamino)hexyl]carbonimidoyl]amino]propanoic acid'
4 non-polymer 1,2-ETHANEDIOL
5 non-polymer 1,3-BUTANEDIOL
6 non-polymer 'DIMETHYL SULFOXIDE'
7 water water
#
_entity_poly.entity_id   1
_entity_poly.type   'polypeptide(L)'
_entity_poly.pdbx_seq_one_letter_code
;GIDPFTARPSSSMADFRKFFAKAKHIVIISGAGVSAESGVPTFRGAGGYWRKWQAQDLATPLAFAHNPSRVWEFYHYRRE
VMGSKEPNAGHRAIAECETRLGKQGRRVVVITQNIDELHRKAGTKNLLEIHGSLFKTRCTSCGVVAENYKSPICPALSGK
GAPEPGTQDASIPVEKLPRCEEAGCGGLLRPHVVWFGENLDPAILEEVDRELAHCDLCLVVGTSSVVYPAAMFAPQVAAR
GVPVAEFNTETTPATNRFRFHFQGPCGTTLPEALA
;
_entity_poly.pdbx_strand_id   A,B,C,D
#
# COMPACT_ATOMS: atom_id res chain seq x y z
N ALA A 7 7.20 -6.11 32.33
CA ALA A 7 7.77 -4.67 32.35
C ALA A 7 7.29 -3.88 33.62
N ARG A 8 7.95 -4.12 34.77
CA ARG A 8 7.29 -3.80 36.05
C ARG A 8 8.15 -3.26 37.19
N PRO A 9 7.60 -2.25 37.92
CA PRO A 9 8.49 -1.53 38.76
C PRO A 9 8.97 -2.22 39.95
N SER A 10 10.12 -1.79 40.44
CA SER A 10 10.64 -2.26 41.70
C SER A 10 9.99 -1.49 42.87
N SER A 11 9.81 -2.23 43.99
CA SER A 11 9.48 -1.61 45.27
C SER A 11 10.57 -1.62 46.27
N SER A 12 11.80 -1.70 45.78
CA SER A 12 12.93 -1.62 46.67
C SER A 12 13.50 -0.23 46.93
N MET A 13 13.25 0.32 48.15
CA MET A 13 13.88 1.56 48.56
C MET A 13 15.35 1.52 48.59
N ALA A 14 15.89 0.42 48.96
CA ALA A 14 17.37 0.31 49.09
C ALA A 14 17.94 0.50 47.69
N ASP A 15 17.29 -0.07 46.66
CA ASP A 15 17.82 0.03 45.31
C ASP A 15 17.63 1.52 44.81
N PHE A 16 16.49 2.12 45.13
CA PHE A 16 16.35 3.50 44.74
C PHE A 16 17.40 4.36 45.39
N ARG A 17 17.68 4.07 46.67
CA ARG A 17 18.66 4.83 47.43
C ARG A 17 20.09 4.80 46.86
N LYS A 18 20.45 3.68 46.23
CA LYS A 18 21.70 3.55 45.51
C LYS A 18 21.79 4.60 44.34
N PHE A 19 20.67 4.73 43.57
CA PHE A 19 20.63 5.80 42.52
C PHE A 19 20.67 7.21 43.21
N PHE A 20 19.91 7.37 44.27
CA PHE A 20 19.78 8.68 44.95
C PHE A 20 21.11 9.18 45.45
N ALA A 21 21.97 8.29 45.97
CA ALA A 21 23.22 8.65 46.50
C ALA A 21 24.14 9.25 45.49
N LYS A 22 24.00 8.90 44.22
CA LYS A 22 24.89 9.33 43.15
C LYS A 22 24.30 10.42 42.26
N ALA A 23 22.98 10.64 42.36
CA ALA A 23 22.32 11.53 41.44
C ALA A 23 22.77 13.00 41.62
N LYS A 24 23.04 13.61 40.51
CA LYS A 24 23.53 15.00 40.49
C LYS A 24 22.41 16.00 40.16
N HIS A 25 21.35 15.54 39.54
CA HIS A 25 20.34 16.41 39.01
C HIS A 25 18.96 15.70 39.11
N ILE A 26 18.30 15.92 40.24
CA ILE A 26 17.05 15.28 40.52
C ILE A 26 15.85 16.23 40.12
N VAL A 27 14.92 15.71 39.37
CA VAL A 27 13.66 16.40 39.13
C VAL A 27 12.53 15.70 39.85
N ILE A 28 11.78 16.49 40.61
CA ILE A 28 10.68 15.94 41.35
C ILE A 28 9.41 16.62 40.74
N ILE A 29 8.55 15.83 40.11
CA ILE A 29 7.26 16.22 39.56
C ILE A 29 6.20 16.01 40.61
N SER A 30 5.36 16.98 41.01
CA SER A 30 4.34 16.72 41.95
C SER A 30 2.96 17.10 41.44
N GLY A 31 1.98 16.44 41.99
CA GLY A 31 0.66 16.73 41.86
C GLY A 31 -0.10 16.80 43.19
N ALA A 32 -1.45 16.83 43.11
CA ALA A 32 -2.24 17.21 44.28
C ALA A 32 -2.07 16.28 45.47
N GLY A 33 -1.66 15.09 45.19
CA GLY A 33 -1.47 14.11 46.23
C GLY A 33 -0.37 14.52 47.21
N VAL A 34 0.60 15.36 46.79
CA VAL A 34 1.61 15.84 47.70
C VAL A 34 1.06 16.72 48.77
N SER A 35 -0.13 17.31 48.54
CA SER A 35 -0.72 18.22 49.49
C SER A 35 -1.96 17.64 50.23
N ALA A 36 -2.27 16.42 49.92
CA ALA A 36 -3.44 15.78 50.50
C ALA A 36 -3.28 15.71 52.08
N GLU A 37 -2.05 15.37 52.48
CA GLU A 37 -1.83 15.31 53.94
C GLU A 37 -1.78 16.62 54.67
N SER A 38 -1.83 17.72 53.91
CA SER A 38 -2.03 19.03 54.45
C SER A 38 -3.50 19.38 54.61
N GLY A 39 -4.40 18.46 54.17
CA GLY A 39 -5.81 18.80 54.21
C GLY A 39 -6.28 19.55 52.93
N VAL A 40 -5.50 19.54 51.85
CA VAL A 40 -5.91 20.23 50.60
C VAL A 40 -6.62 19.20 49.76
N PRO A 41 -7.85 19.50 49.28
CA PRO A 41 -8.57 18.55 48.44
C PRO A 41 -7.83 18.26 47.19
N THR A 42 -7.93 17.04 46.69
CA THR A 42 -7.45 16.66 45.37
C THR A 42 -8.50 16.89 44.27
N PHE A 43 -8.08 16.72 43.03
CA PHE A 43 -9.08 16.72 41.91
C PHE A 43 -9.84 15.38 41.80
N ARG A 44 -9.18 14.28 42.12
CA ARG A 44 -9.80 12.92 42.06
C ARG A 44 -10.61 12.75 43.38
N GLY A 45 -11.68 12.04 43.22
CA GLY A 45 -12.55 11.79 44.38
C GLY A 45 -13.43 12.91 44.83
N ALA A 46 -13.76 12.85 46.10
CA ALA A 46 -14.85 13.67 46.58
C ALA A 46 -14.48 15.11 46.71
N GLY A 47 -13.20 15.39 46.97
CA GLY A 47 -12.75 16.74 47.04
C GLY A 47 -12.79 17.48 45.74
N GLY A 48 -12.92 16.85 44.61
CA GLY A 48 -12.91 17.48 43.26
C GLY A 48 -14.20 18.12 42.72
N TYR A 49 -15.14 18.25 43.64
CA TYR A 49 -16.52 18.80 43.39
C TYR A 49 -16.68 20.06 44.17
N TRP A 50 -17.38 21.01 43.55
CA TRP A 50 -17.75 22.27 44.16
C TRP A 50 -19.15 22.56 43.66
N ARG A 51 -20.05 22.67 44.60
CA ARG A 51 -21.44 22.68 44.28
C ARG A 51 -21.74 21.51 43.41
N LYS A 52 -22.42 21.64 42.30
CA LYS A 52 -22.70 20.45 41.49
C LYS A 52 -21.65 20.23 40.38
N TRP A 53 -20.57 20.95 40.37
CA TRP A 53 -19.60 20.89 39.31
C TRP A 53 -18.37 20.20 39.75
N GLN A 54 -17.68 19.73 38.73
CA GLN A 54 -16.33 19.31 38.86
C GLN A 54 -15.44 20.49 38.55
N ALA A 55 -14.34 20.44 39.15
CA ALA A 55 -13.33 21.40 38.96
C ALA A 55 -12.93 21.62 37.52
N GLN A 56 -12.91 20.58 36.69
N GLN A 56 -12.89 20.55 36.72
CA GLN A 56 -12.56 20.78 35.26
CA GLN A 56 -12.57 20.62 35.32
C GLN A 56 -13.69 21.37 34.38
C GLN A 56 -13.57 21.46 34.53
N ASP A 57 -14.86 21.47 34.98
CA ASP A 57 -15.94 22.19 34.39
C ASP A 57 -15.79 23.71 34.52
N LEU A 58 -15.26 24.12 35.65
CA LEU A 58 -15.18 25.54 36.02
C LEU A 58 -13.88 26.20 35.57
N ALA A 59 -12.81 25.40 35.51
CA ALA A 59 -11.46 25.87 35.17
C ALA A 59 -11.24 25.80 33.64
N THR A 60 -12.12 26.62 32.98
CA THR A 60 -12.08 26.69 31.52
C THR A 60 -12.35 28.15 31.08
N PRO A 61 -11.79 28.48 29.86
CA PRO A 61 -12.13 29.88 29.40
C PRO A 61 -13.61 30.01 29.09
N LEU A 62 -14.33 28.98 28.60
CA LEU A 62 -15.74 29.12 28.32
C LEU A 62 -16.53 29.39 29.62
N ALA A 63 -16.19 28.66 30.67
CA ALA A 63 -16.85 28.89 31.93
C ALA A 63 -16.73 30.36 32.38
N PHE A 64 -15.50 30.83 32.29
CA PHE A 64 -15.26 32.16 32.70
C PHE A 64 -15.97 33.25 31.84
N ALA A 65 -16.00 33.00 30.53
CA ALA A 65 -16.70 33.88 29.65
C ALA A 65 -18.18 33.93 29.92
N HIS A 66 -18.76 32.77 30.22
CA HIS A 66 -20.20 32.66 30.47
C HIS A 66 -20.64 33.16 31.80
N ASN A 67 -19.82 32.89 32.80
CA ASN A 67 -20.25 33.16 34.18
C ASN A 67 -19.03 33.46 34.99
N PRO A 68 -18.45 34.63 34.81
CA PRO A 68 -17.21 34.89 35.54
C PRO A 68 -17.49 35.01 37.08
N SER A 69 -18.66 35.40 37.46
CA SER A 69 -18.96 35.42 38.92
C SER A 69 -18.85 34.00 39.53
N ARG A 70 -19.48 33.02 38.88
CA ARG A 70 -19.42 31.68 39.36
C ARG A 70 -17.97 31.19 39.45
N VAL A 71 -17.21 31.41 38.37
CA VAL A 71 -15.80 30.98 38.43
C VAL A 71 -15.06 31.71 39.52
N TRP A 72 -15.24 32.99 39.67
CA TRP A 72 -14.59 33.67 40.78
C TRP A 72 -15.07 33.18 42.14
N GLU A 73 -16.32 32.80 42.32
CA GLU A 73 -16.74 32.24 43.60
C GLU A 73 -15.99 30.94 43.90
N PHE A 74 -15.75 30.15 42.86
CA PHE A 74 -15.02 28.88 42.99
C PHE A 74 -13.57 29.21 43.39
N TYR A 75 -12.87 30.08 42.69
CA TYR A 75 -11.54 30.43 43.06
C TYR A 75 -11.41 31.10 44.44
N HIS A 76 -12.40 31.90 44.74
CA HIS A 76 -12.43 32.48 46.10
C HIS A 76 -12.46 31.43 47.16
N TYR A 77 -13.34 30.47 47.00
CA TYR A 77 -13.43 29.35 47.95
C TYR A 77 -12.08 28.68 48.04
N ARG A 78 -11.41 28.37 46.95
CA ARG A 78 -10.11 27.67 47.08
C ARG A 78 -9.08 28.53 47.80
N ARG A 79 -9.09 29.81 47.53
CA ARG A 79 -8.12 30.73 48.23
C ARG A 79 -8.41 30.68 49.74
N GLU A 80 -9.68 30.67 50.06
CA GLU A 80 -9.99 30.70 51.48
C GLU A 80 -9.65 29.38 52.16
N VAL A 81 -9.90 28.24 51.48
CA VAL A 81 -9.47 26.91 51.96
C VAL A 81 -7.98 26.96 52.27
N MET A 82 -7.20 27.53 51.39
CA MET A 82 -5.76 27.57 51.57
C MET A 82 -5.27 28.35 52.76
N GLY A 83 -6.05 29.27 53.23
CA GLY A 83 -5.67 30.13 54.30
C GLY A 83 -5.25 29.43 55.56
N SER A 84 -5.82 28.30 55.84
CA SER A 84 -5.45 27.58 57.01
C SER A 84 -4.42 26.44 56.80
N LYS A 85 -3.89 26.25 55.61
CA LYS A 85 -3.20 25.05 55.32
C LYS A 85 -1.70 25.27 55.43
N GLU A 86 -1.01 24.22 55.87
CA GLU A 86 0.41 24.25 56.01
C GLU A 86 1.08 23.13 55.27
N PRO A 87 2.41 23.33 54.92
CA PRO A 87 3.13 22.19 54.32
C PRO A 87 3.19 20.93 55.23
N ASN A 88 3.21 19.81 54.63
CA ASN A 88 3.29 18.52 55.34
C ASN A 88 4.73 18.00 55.26
N ALA A 89 4.96 16.85 55.88
CA ALA A 89 6.29 16.19 55.92
C ALA A 89 6.76 15.85 54.53
N GLY A 90 5.88 15.62 53.58
CA GLY A 90 6.39 15.36 52.27
C GLY A 90 6.96 16.67 51.61
N HIS A 91 6.20 17.80 51.71
CA HIS A 91 6.73 19.05 51.22
C HIS A 91 8.05 19.37 51.88
N ARG A 92 8.06 19.16 53.23
CA ARG A 92 9.29 19.51 53.95
C ARG A 92 10.50 18.68 53.56
N ALA A 93 10.27 17.37 53.36
CA ALA A 93 11.40 16.48 52.93
C ALA A 93 11.94 16.94 51.58
N ILE A 94 11.03 17.36 50.67
CA ILE A 94 11.47 17.82 49.39
C ILE A 94 12.35 19.10 49.50
N ALA A 95 11.83 20.03 50.32
CA ALA A 95 12.58 21.27 50.55
C ALA A 95 13.96 21.08 51.21
N GLU A 96 13.96 20.21 52.24
CA GLU A 96 15.20 19.97 52.91
C GLU A 96 16.21 19.24 51.98
N CYS A 97 15.71 18.31 51.15
CA CYS A 97 16.55 17.67 50.21
C CYS A 97 17.23 18.61 49.29
N GLU A 98 16.47 19.55 48.76
CA GLU A 98 17.08 20.54 47.88
C GLU A 98 18.19 21.35 48.58
N THR A 99 17.95 21.73 49.82
CA THR A 99 18.97 22.55 50.54
C THR A 99 20.20 21.72 50.79
N ARG A 100 20.01 20.49 51.30
CA ARG A 100 21.15 19.63 51.62
C ARG A 100 21.98 19.30 50.39
N LEU A 101 21.34 18.86 49.33
CA LEU A 101 22.05 18.53 48.14
C LEU A 101 22.72 19.73 47.47
N GLY A 102 22.08 20.88 47.56
CA GLY A 102 22.63 22.10 47.03
C GLY A 102 23.94 22.44 47.66
N LYS A 103 24.08 22.20 48.97
CA LYS A 103 25.40 22.44 49.63
C LYS A 103 26.50 21.56 49.10
N GLN A 104 26.11 20.39 48.50
CA GLN A 104 27.07 19.42 47.92
C GLN A 104 27.30 19.70 46.37
N GLY A 105 26.61 20.71 45.81
CA GLY A 105 26.69 21.01 44.39
C GLY A 105 25.75 20.15 43.54
N ARG A 106 24.73 19.54 44.15
CA ARG A 106 23.83 18.64 43.47
C ARG A 106 22.45 19.39 43.36
N ARG A 107 21.85 19.31 42.18
CA ARG A 107 20.64 20.03 41.89
C ARG A 107 19.36 19.24 42.10
N VAL A 108 18.42 19.84 42.79
CA VAL A 108 17.04 19.32 42.92
C VAL A 108 16.06 20.44 42.50
N VAL A 109 15.17 20.01 41.63
CA VAL A 109 14.19 20.96 41.06
CA VAL A 109 14.18 20.96 41.10
C VAL A 109 12.82 20.34 41.22
N VAL A 110 11.81 21.14 41.62
CA VAL A 110 10.42 20.68 41.75
C VAL A 110 9.57 21.30 40.60
N ILE A 111 8.97 20.43 39.82
CA ILE A 111 8.05 20.81 38.80
C ILE A 111 6.70 20.44 39.18
N THR A 112 5.90 21.39 39.71
CA THR A 112 4.62 21.16 40.31
C THR A 112 3.42 21.54 39.37
N GLN A 113 2.39 20.72 39.32
CA GLN A 113 1.07 21.00 38.76
C GLN A 113 0.26 21.76 39.74
N ASN A 114 0.64 21.84 41.00
CA ASN A 114 -0.17 22.41 42.00
C ASN A 114 -0.22 23.91 41.94
N ILE A 115 -1.27 24.60 42.26
CA ILE A 115 -1.41 26.03 42.38
C ILE A 115 -1.45 26.59 43.80
N ASP A 116 -1.15 25.64 44.74
CA ASP A 116 -1.42 25.88 46.17
C ASP A 116 -0.27 26.55 46.91
N GLU A 117 0.88 26.74 46.28
CA GLU A 117 2.00 27.38 46.87
C GLU A 117 2.66 26.71 48.08
N LEU A 118 2.19 25.52 48.46
CA LEU A 118 2.75 24.82 49.65
C LEU A 118 4.22 24.48 49.47
N HIS A 119 4.67 24.14 48.24
CA HIS A 119 6.10 23.97 48.11
C HIS A 119 6.91 25.22 48.47
N ARG A 120 6.38 26.38 48.06
CA ARG A 120 6.96 27.63 48.43
C ARG A 120 7.03 27.81 49.96
N LYS A 121 5.89 27.55 50.60
CA LYS A 121 5.80 27.73 52.04
C LYS A 121 6.78 26.79 52.79
N ALA A 122 7.04 25.61 52.19
CA ALA A 122 7.99 24.68 52.79
C ALA A 122 9.43 25.07 52.64
N GLY A 123 9.72 26.01 51.71
CA GLY A 123 11.05 26.41 51.48
C GLY A 123 11.78 25.92 50.22
N THR A 124 11.04 25.31 49.33
CA THR A 124 11.61 24.96 48.01
C THR A 124 12.00 26.24 47.27
N LYS A 125 13.16 26.32 46.66
CA LYS A 125 13.60 27.46 45.96
C LYS A 125 13.44 27.16 44.45
N ASN A 126 13.92 26.01 44.00
CA ASN A 126 13.89 25.68 42.59
C ASN A 126 12.55 25.09 42.21
N LEU A 127 11.54 25.96 42.10
CA LEU A 127 10.17 25.61 41.90
C LEU A 127 9.66 26.05 40.60
N LEU A 128 9.11 25.23 39.78
CA LEU A 128 8.37 25.61 38.54
C LEU A 128 6.89 25.32 38.72
N GLU A 129 6.05 26.34 38.83
CA GLU A 129 4.62 26.23 38.96
C GLU A 129 4.01 26.17 37.57
N ILE A 130 3.90 25.04 36.95
CA ILE A 130 3.62 24.95 35.55
C ILE A 130 2.19 25.34 35.16
N HIS A 131 1.33 25.35 36.17
CA HIS A 131 -0.06 25.61 36.00
C HIS A 131 -0.49 26.96 36.63
N GLY A 132 0.51 27.72 37.09
CA GLY A 132 0.27 28.94 37.76
C GLY A 132 0.06 28.92 39.26
N SER A 133 -0.65 29.89 39.80
CA SER A 133 -0.76 30.03 41.25
C SER A 133 -2.17 30.63 41.51
N LEU A 134 -2.84 30.11 42.54
CA LEU A 134 -4.01 30.54 43.11
C LEU A 134 -3.87 31.99 43.61
N PHE A 135 -2.69 32.36 43.97
CA PHE A 135 -2.41 33.69 44.62
C PHE A 135 -1.75 34.70 43.66
N LYS A 136 -2.04 34.50 42.32
CA LYS A 136 -1.71 35.52 41.37
C LYS A 136 -2.96 35.73 40.53
N THR A 137 -3.01 36.99 40.04
CA THR A 137 -4.03 37.47 39.13
C THR A 137 -3.39 37.83 37.80
N ARG A 138 -4.24 37.78 36.77
CA ARG A 138 -3.78 38.41 35.49
C ARG A 138 -4.98 39.22 34.95
N CYS A 139 -4.63 40.43 34.52
CA CYS A 139 -5.63 41.34 33.95
C CYS A 139 -5.96 40.91 32.49
N THR A 140 -7.29 40.74 32.28
CA THR A 140 -7.73 40.35 30.91
C THR A 140 -7.68 41.51 29.92
N SER A 141 -7.50 42.72 30.41
CA SER A 141 -7.32 43.91 29.56
C SER A 141 -5.87 44.24 29.32
N CYS A 142 -5.08 44.44 30.41
CA CYS A 142 -3.69 44.89 30.32
C CYS A 142 -2.61 43.79 30.29
N GLY A 143 -2.98 42.59 30.72
CA GLY A 143 -2.10 41.47 30.84
C GLY A 143 -1.15 41.51 32.07
N VAL A 144 -1.31 42.42 32.98
CA VAL A 144 -0.38 42.45 34.05
C VAL A 144 -0.68 41.26 35.04
N VAL A 145 0.43 40.74 35.55
CA VAL A 145 0.41 39.60 36.50
C VAL A 145 0.73 40.18 37.86
N ALA A 146 -0.04 39.88 38.88
CA ALA A 146 0.23 40.45 40.20
C ALA A 146 0.03 39.33 41.23
N GLU A 147 0.83 39.46 42.29
CA GLU A 147 0.55 38.60 43.43
C GLU A 147 -0.71 39.16 44.15
N ASN A 148 -1.53 38.29 44.65
CA ASN A 148 -2.69 38.67 45.34
C ASN A 148 -3.07 37.58 46.40
N TYR A 149 -2.88 37.99 47.69
CA TYR A 149 -3.23 37.15 48.77
C TYR A 149 -4.35 37.74 49.60
N LYS A 150 -5.06 38.74 49.08
CA LYS A 150 -6.12 39.37 49.85
C LYS A 150 -7.31 38.44 50.15
N SER A 151 -7.80 38.56 51.36
CA SER A 151 -8.96 37.79 51.81
C SER A 151 -9.98 38.82 52.28
N PRO A 152 -11.10 38.96 51.61
CA PRO A 152 -11.42 38.48 50.26
C PRO A 152 -10.77 39.25 49.13
N ILE A 153 -10.62 38.64 47.97
CA ILE A 153 -9.97 39.36 46.97
C ILE A 153 -10.72 40.58 46.52
N CYS A 154 -12.03 40.57 46.58
CA CYS A 154 -12.79 41.84 46.41
C CYS A 154 -13.96 41.84 47.37
N PRO A 155 -14.49 43.03 47.72
CA PRO A 155 -15.54 43.07 48.77
C PRO A 155 -16.84 42.34 48.39
N ALA A 156 -17.14 42.27 47.08
CA ALA A 156 -18.34 41.57 46.73
C ALA A 156 -18.25 40.05 46.92
N LEU A 157 -17.05 39.48 47.03
CA LEU A 157 -16.89 38.07 47.27
C LEU A 157 -16.89 37.74 48.76
N SER A 158 -16.93 38.70 49.66
CA SER A 158 -16.98 38.53 51.10
C SER A 158 -18.22 37.62 51.34
N GLY A 159 -17.97 36.48 52.04
CA GLY A 159 -18.93 35.47 52.42
C GLY A 159 -19.53 34.64 51.33
N LYS A 160 -18.95 34.71 50.13
CA LYS A 160 -19.35 33.95 49.03
C LYS A 160 -18.48 32.70 48.81
N GLY A 161 -18.82 31.94 47.75
CA GLY A 161 -18.02 30.74 47.50
C GLY A 161 -18.42 29.50 48.22
N ALA A 162 -19.51 29.49 49.02
CA ALA A 162 -19.79 28.25 49.76
C ALA A 162 -19.94 27.08 48.78
N PRO A 163 -19.45 25.92 49.18
CA PRO A 163 -19.34 24.77 48.26
C PRO A 163 -20.53 23.83 48.17
N GLU A 164 -21.53 24.01 49.00
CA GLU A 164 -22.53 22.97 49.08
C GLU A 164 -23.45 23.08 47.87
N PRO A 165 -23.79 22.00 47.28
CA PRO A 165 -24.73 21.94 46.19
C PRO A 165 -26.05 22.68 46.56
N GLY A 166 -26.59 23.43 45.60
CA GLY A 166 -27.88 24.14 45.84
C GLY A 166 -27.60 25.54 46.40
N THR A 167 -26.38 25.92 46.70
CA THR A 167 -26.04 27.33 47.00
C THR A 167 -26.33 28.11 45.74
N GLN A 168 -27.12 29.13 45.92
CA GLN A 168 -27.42 30.19 44.95
C GLN A 168 -26.19 30.81 44.36
N ASP A 169 -26.11 31.01 43.01
CA ASP A 169 -25.11 31.88 42.39
C ASP A 169 -25.12 33.27 43.02
N ALA A 170 -23.94 33.76 43.37
CA ALA A 170 -23.82 35.14 43.91
C ALA A 170 -24.23 36.19 42.85
N SER A 171 -23.98 35.84 41.57
CA SER A 171 -24.39 36.71 40.47
C SER A 171 -23.86 38.13 40.60
N ILE A 172 -22.62 38.23 40.91
CA ILE A 172 -21.94 39.50 41.09
C ILE A 172 -21.74 40.09 39.67
N PRO A 173 -22.17 41.37 39.45
CA PRO A 173 -21.91 41.98 38.20
C PRO A 173 -20.41 42.10 37.94
N VAL A 174 -20.03 42.04 36.67
CA VAL A 174 -18.62 42.03 36.33
C VAL A 174 -17.84 43.29 36.92
N GLU A 175 -18.53 44.43 36.99
CA GLU A 175 -17.99 45.61 37.60
C GLU A 175 -17.53 45.50 39.06
N LYS A 176 -18.13 44.54 39.73
CA LYS A 176 -17.86 44.29 41.14
C LYS A 176 -16.99 43.02 41.42
N LEU A 177 -16.59 42.32 40.34
CA LEU A 177 -15.64 41.22 40.47
C LEU A 177 -14.25 41.84 40.60
N PRO A 178 -13.23 40.98 40.81
CA PRO A 178 -11.88 41.54 40.97
C PRO A 178 -11.46 42.28 39.69
N ARG A 179 -11.01 43.53 39.92
CA ARG A 179 -10.61 44.44 38.83
CA ARG A 179 -10.60 44.44 38.86
C ARG A 179 -9.19 44.93 39.02
N CYS A 180 -8.60 45.18 37.84
CA CYS A 180 -7.30 45.69 37.81
C CYS A 180 -7.19 47.05 38.53
N GLU A 181 -6.18 47.22 39.30
CA GLU A 181 -6.01 48.56 39.99
C GLU A 181 -5.02 49.39 39.32
N GLU A 182 -4.52 49.00 38.15
CA GLU A 182 -3.62 49.89 37.45
C GLU A 182 -4.38 51.10 36.97
N ALA A 183 -3.81 52.30 36.99
CA ALA A 183 -4.55 53.54 36.68
C ALA A 183 -5.12 53.40 35.26
N GLY A 184 -6.41 53.75 35.16
CA GLY A 184 -7.05 53.77 33.81
C GLY A 184 -7.25 52.43 33.13
N CYS A 185 -6.98 51.31 33.84
CA CYS A 185 -7.22 50.01 33.23
C CYS A 185 -8.69 49.57 33.68
N GLY A 186 -8.74 49.08 34.91
CA GLY A 186 -9.93 48.53 35.45
C GLY A 186 -10.50 47.29 34.75
N GLY A 187 -9.66 46.59 34.03
CA GLY A 187 -10.00 45.32 33.49
C GLY A 187 -10.41 44.23 34.44
N LEU A 188 -11.21 43.32 33.98
CA LEU A 188 -11.54 42.16 34.77
C LEU A 188 -10.34 41.21 35.01
N LEU A 189 -10.06 40.96 36.29
CA LEU A 189 -9.05 39.95 36.56
C LEU A 189 -9.51 38.56 36.35
N ARG A 190 -8.56 37.65 36.05
CA ARG A 190 -8.73 36.19 36.16
C ARG A 190 -7.62 35.70 37.05
N PRO A 191 -7.82 34.49 37.65
CA PRO A 191 -6.70 33.79 38.27
C PRO A 191 -5.61 33.47 37.23
N HIS A 192 -4.38 33.70 37.68
CA HIS A 192 -3.24 33.43 36.80
C HIS A 192 -2.85 31.92 36.96
N VAL A 193 -3.78 31.16 36.33
CA VAL A 193 -3.67 29.71 36.33
C VAL A 193 -3.82 29.25 34.87
N VAL A 194 -3.33 28.10 34.55
CA VAL A 194 -3.62 27.50 33.24
C VAL A 194 -4.95 26.83 33.21
N TRP A 195 -5.95 27.21 32.43
CA TRP A 195 -7.19 26.52 32.41
C TRP A 195 -7.16 25.32 31.47
N PHE A 196 -8.13 24.38 31.60
CA PHE A 196 -8.21 23.31 30.60
C PHE A 196 -8.55 23.98 29.32
N GLY A 197 -7.83 23.45 28.26
CA GLY A 197 -7.92 24.00 26.96
C GLY A 197 -6.98 25.16 26.63
N GLU A 198 -6.21 25.60 27.59
CA GLU A 198 -5.22 26.66 27.39
C GLU A 198 -3.83 26.08 27.42
N ASN A 199 -2.96 26.52 26.50
CA ASN A 199 -1.55 26.00 26.56
C ASN A 199 -0.80 26.52 27.78
N LEU A 200 0.21 25.75 28.13
CA LEU A 200 1.19 26.26 29.05
C LEU A 200 1.97 27.47 28.44
N ASP A 201 2.61 28.21 29.30
CA ASP A 201 3.50 29.24 28.82
C ASP A 201 4.69 28.67 28.08
N PRO A 202 5.04 29.14 26.88
CA PRO A 202 6.18 28.64 26.21
C PRO A 202 7.50 28.64 26.93
N ALA A 203 7.69 29.64 27.77
CA ALA A 203 8.91 29.74 28.53
C ALA A 203 8.95 28.56 29.57
N ILE A 204 7.79 28.28 30.15
CA ILE A 204 7.67 27.15 31.07
C ILE A 204 7.95 25.88 30.38
N LEU A 205 7.37 25.70 29.19
CA LEU A 205 7.65 24.41 28.46
C LEU A 205 9.17 24.30 28.25
N GLU A 206 9.82 25.39 27.85
CA GLU A 206 11.24 25.32 27.64
C GLU A 206 12.03 24.97 28.88
N GLU A 207 11.63 25.51 29.98
CA GLU A 207 12.32 25.24 31.24
C GLU A 207 12.13 23.82 31.63
N VAL A 208 10.90 23.29 31.52
CA VAL A 208 10.72 21.90 31.82
C VAL A 208 11.62 21.05 30.93
N ASP A 209 11.56 21.31 29.62
CA ASP A 209 12.29 20.50 28.63
C ASP A 209 13.80 20.47 29.11
N ARG A 210 14.37 21.59 29.43
CA ARG A 210 15.78 21.57 29.84
C ARG A 210 16.02 20.67 31.08
N GLU A 211 15.17 20.80 32.07
CA GLU A 211 15.30 19.96 33.22
C GLU A 211 15.17 18.50 32.95
N LEU A 212 14.18 18.11 32.18
CA LEU A 212 14.01 16.68 31.98
C LEU A 212 15.17 16.12 31.16
N ALA A 213 15.69 16.89 30.23
CA ALA A 213 16.76 16.41 29.39
C ALA A 213 18.08 16.25 30.11
N HIS A 214 18.27 16.97 31.24
CA HIS A 214 19.49 16.97 31.96
C HIS A 214 19.44 16.07 33.24
N CYS A 215 18.29 15.73 33.70
CA CYS A 215 18.20 15.04 34.93
CA CYS A 215 18.07 15.00 34.89
C CYS A 215 18.79 13.63 34.88
N ASP A 216 19.23 13.17 36.05
CA ASP A 216 19.71 11.76 36.15
C ASP A 216 18.86 10.93 37.13
N LEU A 217 17.82 11.49 37.69
CA LEU A 217 16.93 10.78 38.55
C LEU A 217 15.62 11.60 38.64
N CYS A 218 14.46 10.94 38.56
CA CYS A 218 13.22 11.66 38.55
C CYS A 218 12.29 11.00 39.57
N LEU A 219 11.57 11.73 40.39
CA LEU A 219 10.50 11.34 41.21
C LEU A 219 9.20 11.91 40.72
N VAL A 220 8.15 11.16 40.78
CA VAL A 220 6.84 11.53 40.29
C VAL A 220 5.86 11.31 41.44
N VAL A 221 5.47 12.37 42.14
CA VAL A 221 4.90 12.29 43.44
CA VAL A 221 4.92 12.27 43.45
C VAL A 221 3.49 12.77 43.51
N GLY A 222 2.56 11.97 43.97
CA GLY A 222 1.22 12.40 44.20
C GLY A 222 0.48 12.88 42.98
N THR A 223 0.69 12.27 41.83
CA THR A 223 -0.02 12.66 40.68
C THR A 223 -0.64 11.55 39.90
N SER A 224 -1.83 11.73 39.40
CA SER A 224 -2.61 10.69 38.76
C SER A 224 -2.12 10.42 37.32
N SER A 225 -1.24 11.32 36.82
CA SER A 225 -0.70 11.07 35.51
C SER A 225 -1.74 10.89 34.42
N VAL A 226 -2.79 11.73 34.47
CA VAL A 226 -3.93 11.82 33.52
C VAL A 226 -3.86 13.15 32.76
N VAL A 227 -3.40 14.27 33.31
CA VAL A 227 -3.46 15.56 32.65
C VAL A 227 -2.25 15.85 31.87
N TYR A 228 -2.41 16.27 30.57
CA TYR A 228 -1.34 16.57 29.75
C TYR A 228 -1.14 18.06 29.54
N PRO A 229 0.10 18.47 29.24
CA PRO A 229 1.30 17.65 28.95
C PRO A 229 1.98 17.08 30.17
N ALA A 230 1.67 17.50 31.41
CA ALA A 230 2.42 17.09 32.52
C ALA A 230 2.59 15.57 32.65
N ALA A 231 1.56 14.83 32.26
CA ALA A 231 1.60 13.35 32.31
C ALA A 231 2.72 12.77 31.41
N MET A 232 3.20 13.53 30.42
CA MET A 232 4.27 13.02 29.54
CA MET A 232 4.24 13.13 29.47
C MET A 232 5.66 13.18 30.11
N PHE A 233 5.81 14.01 31.16
CA PHE A 233 7.15 14.43 31.58
C PHE A 233 7.96 13.20 32.09
N ALA A 234 7.44 12.55 33.14
CA ALA A 234 8.22 11.42 33.74
C ALA A 234 8.42 10.30 32.74
N PRO A 235 7.38 9.96 31.94
CA PRO A 235 7.60 8.95 30.93
C PRO A 235 8.75 9.27 30.00
N GLN A 236 8.87 10.56 29.61
CA GLN A 236 9.97 10.89 28.74
C GLN A 236 11.37 10.64 29.35
N VAL A 237 11.47 10.95 30.63
CA VAL A 237 12.71 10.73 31.33
C VAL A 237 12.99 9.16 31.35
N ALA A 238 11.96 8.38 31.67
CA ALA A 238 12.13 6.93 31.67
C ALA A 238 12.51 6.34 30.30
N ALA A 239 12.00 6.96 29.26
CA ALA A 239 12.29 6.49 27.91
C ALA A 239 13.79 6.64 27.54
N ARG A 240 14.39 7.67 28.16
CA ARG A 240 15.84 7.96 28.01
CA ARG A 240 15.84 7.97 28.00
C ARG A 240 16.69 6.93 28.75
N GLY A 241 16.05 6.11 29.61
CA GLY A 241 16.84 5.17 30.38
C GLY A 241 17.13 5.73 31.76
N VAL A 242 16.56 6.83 32.17
CA VAL A 242 16.77 7.43 33.52
C VAL A 242 15.75 6.86 34.50
N PRO A 243 16.22 6.46 35.71
CA PRO A 243 15.29 5.87 36.68
C PRO A 243 14.27 6.90 37.16
N VAL A 244 13.05 6.46 37.14
CA VAL A 244 11.87 7.26 37.61
C VAL A 244 11.25 6.48 38.76
N ALA A 245 11.00 7.16 39.88
CA ALA A 245 10.35 6.59 40.99
C ALA A 245 9.04 7.25 41.32
N GLU A 246 7.94 6.53 41.22
CA GLU A 246 6.62 7.02 41.52
C GLU A 246 6.26 6.86 43.00
N PHE A 247 5.84 7.93 43.62
CA PHE A 247 5.41 7.88 45.01
C PHE A 247 3.90 8.20 44.98
N ASN A 248 3.04 7.26 45.31
CA ASN A 248 1.65 7.44 45.21
C ASN A 248 0.97 6.44 46.14
N THR A 249 -0.21 6.74 46.65
CA THR A 249 -1.01 5.77 47.40
C THR A 249 -1.66 4.73 46.53
N GLU A 250 -1.63 4.88 45.22
CA GLU A 250 -2.06 3.89 44.25
C GLU A 250 -1.30 3.79 43.01
N THR A 251 -1.61 2.77 42.20
CA THR A 251 -1.06 2.70 40.88
C THR A 251 -1.86 3.68 39.97
N THR A 252 -1.21 4.03 38.87
CA THR A 252 -1.74 5.00 37.86
C THR A 252 -1.49 4.40 36.45
N PRO A 253 -2.01 5.09 35.38
CA PRO A 253 -1.70 4.60 34.03
C PRO A 253 -0.23 4.58 33.68
N ALA A 254 0.54 5.41 34.43
CA ALA A 254 1.94 5.56 34.12
C ALA A 254 2.84 4.56 34.88
N THR A 255 2.31 3.92 35.92
CA THR A 255 3.16 3.15 36.85
C THR A 255 4.12 2.25 36.15
N ASN A 256 3.62 1.50 35.18
CA ASN A 256 4.44 0.49 34.54
C ASN A 256 5.50 1.04 33.58
N ARG A 257 5.51 2.36 33.31
CA ARG A 257 6.59 2.97 32.60
CA ARG A 257 6.59 2.97 32.61
C ARG A 257 7.84 3.22 33.45
N PHE A 258 7.73 3.12 34.78
CA PHE A 258 8.76 3.63 35.66
C PHE A 258 9.60 2.53 36.27
N ARG A 259 10.74 2.97 36.83
CA ARG A 259 11.63 1.99 37.46
C ARG A 259 11.20 1.57 38.80
N PHE A 260 10.60 2.41 39.59
CA PHE A 260 10.18 2.20 40.92
C PHE A 260 8.79 2.67 41.22
N HIS A 261 8.05 2.03 42.09
CA HIS A 261 6.74 2.40 42.57
C HIS A 261 6.75 2.25 44.10
N PHE A 262 6.59 3.31 44.85
CA PHE A 262 6.56 3.27 46.30
C PHE A 262 5.18 3.65 46.77
N GLN A 263 4.51 2.67 47.31
CA GLN A 263 3.15 2.81 47.73
C GLN A 263 3.07 3.42 49.10
N GLY A 264 2.16 4.27 49.27
CA GLY A 264 1.78 4.76 50.58
C GLY A 264 1.72 6.28 50.51
N PRO A 265 1.35 6.87 51.63
CA PRO A 265 1.24 8.30 51.70
C PRO A 265 2.64 8.90 51.55
N CYS A 266 2.77 9.94 50.70
N CYS A 266 2.77 9.92 50.72
CA CYS A 266 4.05 10.49 50.52
CA CYS A 266 4.07 10.55 50.50
C CYS A 266 4.64 11.24 51.69
C CYS A 266 4.67 11.24 51.70
N GLY A 267 3.82 11.59 52.65
CA GLY A 267 4.28 12.21 53.86
C GLY A 267 5.06 11.24 54.71
N THR A 268 4.88 9.93 54.46
CA THR A 268 5.59 8.85 55.11
C THR A 268 6.77 8.42 54.25
N THR A 269 6.53 8.22 52.93
CA THR A 269 7.56 7.65 52.16
C THR A 269 8.70 8.62 51.69
N LEU A 270 8.35 9.91 51.43
CA LEU A 270 9.35 10.81 51.01
C LEU A 270 10.42 11.11 52.08
N PRO A 271 10.07 11.30 53.36
CA PRO A 271 11.17 11.49 54.33
C PRO A 271 12.17 10.38 54.36
N GLU A 272 11.67 9.15 54.17
CA GLU A 272 12.54 8.00 54.15
C GLU A 272 13.39 7.98 52.88
N ALA A 273 12.76 8.19 51.74
CA ALA A 273 13.48 8.17 50.47
C ALA A 273 14.56 9.18 50.30
N LEU A 274 14.26 10.39 50.82
CA LEU A 274 15.13 11.57 50.65
C LEU A 274 16.03 11.94 51.78
N ALA A 275 16.13 11.04 52.76
CA ALA A 275 16.96 11.25 53.87
C ALA A 275 18.45 11.38 53.54
N ARG B 8 -0.70 -44.02 -14.91
CA ARG B 8 -0.81 -44.03 -13.35
C ARG B 8 0.23 -43.23 -12.48
N PRO B 9 -0.24 -42.17 -11.79
CA PRO B 9 0.67 -41.42 -11.00
C PRO B 9 1.15 -42.15 -9.76
N SER B 10 2.28 -41.73 -9.26
CA SER B 10 2.82 -42.19 -8.00
C SER B 10 2.21 -41.37 -6.85
N SER B 11 2.02 -42.01 -5.74
CA SER B 11 1.65 -41.42 -4.46
C SER B 11 2.76 -41.29 -3.47
N SER B 12 4.00 -41.52 -3.93
CA SER B 12 5.16 -41.49 -3.05
C SER B 12 5.72 -40.12 -2.75
N MET B 13 5.45 -39.59 -1.53
CA MET B 13 6.07 -38.31 -1.13
C MET B 13 7.57 -38.39 -1.10
N ALA B 14 8.12 -39.53 -0.68
CA ALA B 14 9.54 -39.61 -0.61
C ALA B 14 10.15 -39.41 -2.00
N ASP B 15 9.51 -39.98 -3.02
CA ASP B 15 9.96 -39.78 -4.41
C ASP B 15 9.84 -38.37 -4.87
N PHE B 16 8.69 -37.75 -4.55
CA PHE B 16 8.54 -36.37 -4.97
C PHE B 16 9.60 -35.53 -4.30
N ARG B 17 9.89 -35.82 -3.02
CA ARG B 17 10.86 -35.06 -2.27
C ARG B 17 12.32 -35.12 -2.86
N LYS B 18 12.67 -36.22 -3.51
CA LYS B 18 13.91 -36.35 -4.23
C LYS B 18 14.01 -35.29 -5.38
N PHE B 19 12.87 -35.15 -6.11
CA PHE B 19 12.82 -34.07 -7.18
C PHE B 19 12.85 -32.68 -6.46
N PHE B 20 12.10 -32.54 -5.40
CA PHE B 20 11.98 -31.23 -4.75
C PHE B 20 13.33 -30.73 -4.23
N ALA B 21 14.18 -31.66 -3.72
CA ALA B 21 15.41 -31.30 -3.19
C ALA B 21 16.36 -30.64 -4.19
N LYS B 22 16.20 -31.01 -5.48
CA LYS B 22 17.11 -30.61 -6.52
C LYS B 22 16.55 -29.52 -7.46
N ALA B 23 15.25 -29.25 -7.31
CA ALA B 23 14.53 -28.40 -8.23
C ALA B 23 14.92 -26.92 -8.02
N LYS B 24 15.22 -26.28 -9.13
CA LYS B 24 15.71 -24.91 -9.13
C LYS B 24 14.62 -23.89 -9.55
N HIS B 25 13.50 -24.35 -10.12
CA HIS B 25 12.48 -23.46 -10.67
C HIS B 25 11.16 -24.16 -10.63
N ILE B 26 10.46 -23.89 -9.54
CA ILE B 26 9.26 -24.62 -9.20
C ILE B 26 8.03 -23.65 -9.60
N VAL B 27 7.06 -24.22 -10.31
CA VAL B 27 5.88 -23.54 -10.62
C VAL B 27 4.77 -24.20 -9.84
N ILE B 28 3.97 -23.45 -9.09
CA ILE B 28 2.80 -23.89 -8.39
C ILE B 28 1.59 -23.25 -9.00
N ILE B 29 0.74 -24.09 -9.51
CA ILE B 29 -0.54 -23.63 -10.11
C ILE B 29 -1.60 -23.95 -9.07
N SER B 30 -2.41 -22.92 -8.75
CA SER B 30 -3.52 -23.12 -7.83
C SER B 30 -4.83 -22.77 -8.28
N GLY B 31 -5.85 -23.37 -7.73
CA GLY B 31 -7.27 -23.10 -7.87
C GLY B 31 -7.89 -22.98 -6.47
N ALA B 32 -9.22 -23.03 -6.59
CA ALA B 32 -10.02 -22.66 -5.43
C ALA B 32 -9.85 -23.63 -4.31
N GLY B 33 -9.42 -24.87 -4.51
CA GLY B 33 -9.21 -25.79 -3.41
C GLY B 33 -8.14 -25.37 -2.51
N VAL B 34 -7.21 -24.56 -2.88
CA VAL B 34 -6.21 -24.10 -1.96
C VAL B 34 -6.72 -23.15 -0.90
N SER B 35 -7.89 -22.54 -1.17
CA SER B 35 -8.50 -21.67 -0.22
C SER B 35 -9.71 -22.28 0.49
N ALA B 36 -10.10 -23.50 0.17
CA ALA B 36 -11.23 -24.18 0.87
C ALA B 36 -11.05 -24.21 2.41
N GLU B 37 -9.84 -24.46 2.79
CA GLU B 37 -9.60 -24.61 4.23
C GLU B 37 -9.55 -23.29 4.96
N SER B 38 -9.61 -22.16 4.23
CA SER B 38 -9.86 -20.85 4.83
C SER B 38 -11.32 -20.56 4.93
N GLY B 39 -12.21 -21.45 4.49
CA GLY B 39 -13.66 -21.15 4.46
C GLY B 39 -14.10 -20.40 3.22
N VAL B 40 -13.27 -20.38 2.17
CA VAL B 40 -13.69 -19.74 0.96
C VAL B 40 -14.41 -20.72 0.05
N PRO B 41 -15.64 -20.44 -0.36
CA PRO B 41 -16.31 -21.33 -1.27
C PRO B 41 -15.58 -21.60 -2.57
N THR B 42 -15.65 -22.81 -3.07
CA THR B 42 -15.12 -23.23 -4.32
C THR B 42 -16.19 -22.99 -5.48
N PHE B 43 -15.82 -23.18 -6.72
CA PHE B 43 -16.85 -23.17 -7.76
C PHE B 43 -17.67 -24.46 -7.93
N ARG B 44 -17.01 -25.54 -7.63
CA ARG B 44 -17.55 -26.95 -7.67
C ARG B 44 -18.40 -27.08 -6.34
N GLY B 45 -19.45 -27.85 -6.49
CA GLY B 45 -20.31 -28.09 -5.32
C GLY B 45 -21.18 -27.00 -4.84
N ALA B 46 -21.66 -27.10 -3.60
CA ALA B 46 -22.68 -26.25 -3.12
C ALA B 46 -22.26 -24.81 -2.97
N GLY B 47 -20.95 -24.57 -2.73
CA GLY B 47 -20.45 -23.26 -2.67
C GLY B 47 -20.55 -22.43 -3.94
N GLY B 48 -20.69 -23.03 -5.07
CA GLY B 48 -20.68 -22.35 -6.40
C GLY B 48 -22.03 -21.79 -6.93
N TYR B 49 -23.02 -21.73 -6.02
CA TYR B 49 -24.29 -21.12 -6.32
C TYR B 49 -24.44 -19.84 -5.51
N TRP B 50 -25.18 -18.89 -6.10
CA TRP B 50 -25.53 -17.64 -5.50
C TRP B 50 -26.92 -17.33 -6.03
N ARG B 51 -27.87 -17.23 -5.09
CA ARG B 51 -29.26 -17.21 -5.42
C ARG B 51 -29.53 -18.41 -6.29
N LYS B 52 -30.25 -18.29 -7.36
CA LYS B 52 -30.44 -19.39 -8.26
C LYS B 52 -29.43 -19.59 -9.35
N TRP B 53 -28.35 -18.84 -9.34
CA TRP B 53 -27.36 -18.89 -10.38
C TRP B 53 -26.12 -19.66 -9.94
N GLN B 54 -25.43 -20.10 -10.98
CA GLN B 54 -24.11 -20.56 -10.84
C GLN B 54 -23.19 -19.42 -11.18
N ALA B 55 -22.08 -19.48 -10.57
CA ALA B 55 -21.11 -18.49 -10.69
C ALA B 55 -20.74 -18.18 -12.19
N GLN B 56 -20.70 -19.28 -13.03
CA GLN B 56 -20.34 -19.15 -14.39
C GLN B 56 -21.44 -18.48 -15.25
N ASP B 57 -22.67 -18.43 -14.74
CA ASP B 57 -23.73 -17.67 -15.30
C ASP B 57 -23.57 -16.16 -15.19
N LEU B 58 -23.05 -15.70 -14.08
CA LEU B 58 -22.94 -14.30 -13.69
C LEU B 58 -21.65 -13.68 -14.18
N ALA B 59 -20.60 -14.47 -14.18
CA ALA B 59 -19.27 -14.03 -14.54
C ALA B 59 -19.02 -14.06 -16.08
N THR B 60 -19.90 -13.29 -16.72
CA THR B 60 -19.91 -13.19 -18.18
C THR B 60 -20.16 -11.76 -18.63
N PRO B 61 -19.61 -11.31 -19.79
CA PRO B 61 -19.95 -9.99 -20.32
C PRO B 61 -21.42 -9.89 -20.62
N LEU B 62 -22.12 -10.91 -21.10
CA LEU B 62 -23.52 -10.77 -21.37
C LEU B 62 -24.34 -10.57 -20.08
N ALA B 63 -23.99 -11.24 -18.99
CA ALA B 63 -24.72 -11.06 -17.81
C ALA B 63 -24.54 -9.59 -17.33
N PHE B 64 -23.30 -9.09 -17.38
CA PHE B 64 -23.03 -7.76 -17.00
C PHE B 64 -23.75 -6.73 -17.84
N ALA B 65 -23.83 -6.96 -19.13
CA ALA B 65 -24.47 -6.05 -20.04
C ALA B 65 -25.95 -6.00 -19.79
N HIS B 66 -26.54 -7.14 -19.45
CA HIS B 66 -27.99 -7.24 -19.26
C HIS B 66 -28.40 -6.72 -17.89
N ASN B 67 -27.59 -6.97 -16.85
CA ASN B 67 -28.07 -6.68 -15.54
C ASN B 67 -26.81 -6.42 -14.70
N PRO B 68 -26.22 -5.23 -14.87
CA PRO B 68 -25.03 -4.97 -14.14
C PRO B 68 -25.25 -4.90 -12.63
N SER B 69 -26.44 -4.48 -12.24
CA SER B 69 -26.73 -4.46 -10.80
C SER B 69 -26.62 -5.86 -10.16
N ARG B 70 -27.24 -6.86 -10.79
CA ARG B 70 -27.19 -8.22 -10.33
C ARG B 70 -25.76 -8.72 -10.25
N VAL B 71 -25.03 -8.50 -11.33
CA VAL B 71 -23.65 -8.87 -11.28
C VAL B 71 -22.81 -8.22 -10.18
N TRP B 72 -23.02 -6.95 -9.98
CA TRP B 72 -22.37 -6.24 -8.88
C TRP B 72 -22.85 -6.73 -7.55
N GLU B 73 -24.11 -7.08 -7.37
CA GLU B 73 -24.53 -7.73 -6.11
C GLU B 73 -23.74 -8.96 -5.83
N PHE B 74 -23.52 -9.79 -6.84
CA PHE B 74 -22.77 -11.03 -6.65
C PHE B 74 -21.33 -10.71 -6.32
N TYR B 75 -20.66 -9.81 -7.00
CA TYR B 75 -19.32 -9.50 -6.65
C TYR B 75 -19.24 -8.80 -5.25
N HIS B 76 -20.17 -7.94 -4.94
CA HIS B 76 -20.21 -7.35 -3.60
C HIS B 76 -20.25 -8.44 -2.57
N TYR B 77 -21.17 -9.39 -2.71
CA TYR B 77 -21.23 -10.51 -1.75
C TYR B 77 -19.89 -11.18 -1.59
N ARG B 78 -19.31 -11.45 -2.73
CA ARG B 78 -18.03 -12.11 -2.61
C ARG B 78 -16.91 -11.34 -1.92
N ARG B 79 -16.87 -10.04 -2.20
CA ARG B 79 -15.99 -9.13 -1.42
C ARG B 79 -16.24 -9.16 0.06
N GLU B 80 -17.51 -9.17 0.39
CA GLU B 80 -17.88 -9.20 1.82
C GLU B 80 -17.47 -10.56 2.43
N VAL B 81 -17.69 -11.67 1.78
CA VAL B 81 -17.28 -12.99 2.27
C VAL B 81 -15.78 -12.95 2.57
N MET B 82 -15.00 -12.34 1.69
CA MET B 82 -13.60 -12.32 1.87
C MET B 82 -13.12 -11.46 3.04
N GLY B 83 -13.90 -10.58 3.53
CA GLY B 83 -13.48 -9.72 4.58
C GLY B 83 -13.05 -10.47 5.80
N SER B 84 -13.61 -11.63 6.10
CA SER B 84 -13.21 -12.34 7.28
C SER B 84 -12.17 -13.46 7.12
N LYS B 85 -11.67 -13.67 5.94
CA LYS B 85 -10.96 -14.84 5.62
C LYS B 85 -9.48 -14.61 5.75
N GLU B 86 -8.75 -15.67 6.17
CA GLU B 86 -7.29 -15.55 6.33
C GLU B 86 -6.67 -16.73 5.58
N PRO B 87 -5.36 -16.59 5.20
CA PRO B 87 -4.61 -17.73 4.61
C PRO B 87 -4.62 -18.96 5.52
N ASN B 88 -4.59 -20.13 4.91
CA ASN B 88 -4.50 -21.35 5.66
C ASN B 88 -3.08 -21.91 5.52
N ALA B 89 -2.84 -23.03 6.19
CA ALA B 89 -1.50 -23.61 6.26
C ALA B 89 -0.97 -23.97 4.87
N GLY B 90 -1.84 -24.19 3.92
CA GLY B 90 -1.39 -24.40 2.55
C GLY B 90 -0.80 -23.19 1.91
N HIS B 91 -1.53 -22.08 2.02
CA HIS B 91 -1.01 -20.83 1.53
C HIS B 91 0.29 -20.46 2.28
N ARG B 92 0.34 -20.74 3.61
CA ARG B 92 1.52 -20.41 4.29
C ARG B 92 2.71 -21.22 3.89
N ALA B 93 2.52 -22.50 3.65
CA ALA B 93 3.59 -23.40 3.24
C ALA B 93 4.15 -22.98 1.90
N ILE B 94 3.26 -22.58 1.02
CA ILE B 94 3.67 -22.07 -0.33
C ILE B 94 4.56 -20.82 -0.20
N ALA B 95 4.07 -19.86 0.61
CA ALA B 95 4.83 -18.61 0.83
C ALA B 95 6.18 -18.83 1.47
N GLU B 96 6.18 -19.65 2.53
CA GLU B 96 7.40 -19.98 3.22
C GLU B 96 8.43 -20.69 2.32
N CYS B 97 7.93 -21.58 1.46
CA CYS B 97 8.79 -22.25 0.53
C CYS B 97 9.46 -21.28 -0.41
N GLU B 98 8.69 -20.36 -0.94
CA GLU B 98 9.28 -19.35 -1.83
C GLU B 98 10.42 -18.55 -1.12
N THR B 99 10.16 -18.09 0.13
CA THR B 99 11.16 -17.36 0.86
C THR B 99 12.42 -18.21 1.10
N ARG B 100 12.22 -19.43 1.60
CA ARG B 100 13.37 -20.29 1.92
C ARG B 100 14.21 -20.64 0.69
N LEU B 101 13.54 -21.08 -0.37
CA LEU B 101 14.24 -21.39 -1.55
C LEU B 101 14.93 -20.19 -2.20
N GLY B 102 14.27 -19.04 -2.13
CA GLY B 102 14.88 -17.81 -2.67
C GLY B 102 16.17 -17.49 -2.04
N LYS B 103 16.31 -17.73 -0.75
CA LYS B 103 17.62 -17.52 -0.08
C LYS B 103 18.74 -18.38 -0.64
N GLN B 104 18.34 -19.52 -1.27
CA GLN B 104 19.28 -20.48 -1.86
C GLN B 104 19.49 -20.19 -3.39
N GLY B 105 18.85 -19.16 -3.93
CA GLY B 105 18.85 -18.91 -5.38
C GLY B 105 17.91 -19.76 -6.20
N ARG B 106 16.91 -20.36 -5.53
CA ARG B 106 15.95 -21.24 -6.20
C ARG B 106 14.61 -20.54 -6.28
N ARG B 107 14.03 -20.57 -7.50
CA ARG B 107 12.81 -19.84 -7.78
C ARG B 107 11.56 -20.66 -7.55
N VAL B 108 10.59 -20.02 -6.85
CA VAL B 108 9.25 -20.61 -6.75
C VAL B 108 8.29 -19.47 -7.20
N VAL B 109 7.39 -19.87 -8.10
CA VAL B 109 6.42 -18.92 -8.64
CA VAL B 109 6.40 -18.94 -8.64
C VAL B 109 5.03 -19.60 -8.48
N VAL B 110 4.04 -18.73 -8.09
CA VAL B 110 2.67 -19.16 -8.01
C VAL B 110 1.80 -18.60 -9.08
N ILE B 111 1.20 -19.44 -9.87
CA ILE B 111 0.24 -19.11 -10.95
C ILE B 111 -1.13 -19.41 -10.38
N THR B 112 -1.94 -18.42 -9.98
CA THR B 112 -3.18 -18.75 -9.45
C THR B 112 -4.31 -18.33 -10.30
N GLN B 113 -5.34 -19.24 -10.32
CA GLN B 113 -6.66 -18.86 -10.86
C GLN B 113 -7.51 -18.08 -9.93
N ASN B 114 -7.12 -18.04 -8.68
CA ASN B 114 -7.92 -17.48 -7.71
C ASN B 114 -7.94 -15.93 -7.76
N ILE B 115 -9.10 -15.35 -7.36
CA ILE B 115 -9.20 -13.94 -7.36
C ILE B 115 -9.30 -13.32 -5.94
N ASP B 116 -9.01 -14.27 -5.00
CA ASP B 116 -9.21 -13.99 -3.58
C ASP B 116 -8.07 -13.25 -2.82
N GLU B 117 -6.94 -13.10 -3.44
CA GLU B 117 -5.82 -12.51 -2.83
C GLU B 117 -5.16 -13.16 -1.57
N LEU B 118 -5.62 -14.40 -1.29
CA LEU B 118 -5.06 -15.03 -0.10
C LEU B 118 -3.58 -15.36 -0.19
N HIS B 119 -3.13 -15.66 -1.44
CA HIS B 119 -1.69 -15.87 -1.59
C HIS B 119 -0.88 -14.67 -1.21
N ARG B 120 -1.44 -13.50 -1.61
CA ARG B 120 -0.79 -12.23 -1.26
C ARG B 120 -0.77 -12.08 0.27
N LYS B 121 -1.93 -12.35 0.91
CA LYS B 121 -1.99 -12.17 2.35
C LYS B 121 -0.99 -13.08 3.11
N ALA B 122 -0.72 -14.28 2.51
CA ALA B 122 0.19 -15.23 3.10
C ALA B 122 1.66 -14.87 2.94
N GLY B 123 1.94 -13.89 2.04
CA GLY B 123 3.26 -13.42 1.78
C GLY B 123 3.96 -13.93 0.52
N THR B 124 3.18 -14.50 -0.37
CA THR B 124 3.79 -14.87 -1.71
C THR B 124 4.15 -13.65 -2.45
N LYS B 125 5.33 -13.57 -3.04
CA LYS B 125 5.78 -12.45 -3.82
C LYS B 125 5.71 -12.66 -5.28
N ASN B 126 6.16 -13.81 -5.71
CA ASN B 126 6.14 -14.18 -7.12
C ASN B 126 4.75 -14.79 -7.44
N LEU B 127 3.80 -13.93 -7.66
CA LEU B 127 2.40 -14.29 -7.82
C LEU B 127 1.90 -13.78 -9.18
N LEU B 128 1.26 -14.68 -9.98
CA LEU B 128 0.60 -14.30 -11.16
C LEU B 128 -0.91 -14.57 -10.97
N GLU B 129 -1.71 -13.53 -10.90
CA GLU B 129 -3.14 -13.70 -10.78
C GLU B 129 -3.79 -13.73 -12.15
N ILE B 130 -3.83 -14.87 -12.76
CA ILE B 130 -4.15 -14.95 -14.14
C ILE B 130 -5.59 -14.60 -14.48
N HIS B 131 -6.51 -14.64 -13.51
CA HIS B 131 -7.87 -14.26 -13.78
C HIS B 131 -8.32 -12.97 -13.07
N GLY B 132 -7.27 -12.23 -12.60
CA GLY B 132 -7.53 -10.95 -11.99
C GLY B 132 -7.83 -10.96 -10.48
N SER B 133 -8.44 -9.95 -9.95
CA SER B 133 -8.65 -9.82 -8.57
C SER B 133 -10.00 -9.28 -8.19
N LEU B 134 -10.63 -9.81 -7.17
CA LEU B 134 -11.83 -9.34 -6.60
C LEU B 134 -11.72 -7.86 -6.07
N PHE B 135 -10.49 -7.48 -5.74
CA PHE B 135 -10.21 -6.21 -5.10
C PHE B 135 -9.54 -5.17 -6.04
N LYS B 136 -9.84 -5.37 -7.32
CA LYS B 136 -9.47 -4.40 -8.33
C LYS B 136 -10.68 -4.12 -9.18
N THR B 137 -10.80 -2.86 -9.64
CA THR B 137 -11.81 -2.48 -10.55
C THR B 137 -11.18 -2.00 -11.89
N ARG B 138 -11.98 -2.07 -12.96
CA ARG B 138 -11.57 -1.60 -14.24
C ARG B 138 -12.76 -0.70 -14.73
N CYS B 139 -12.44 0.50 -15.20
CA CYS B 139 -13.40 1.43 -15.74
C CYS B 139 -13.78 1.04 -17.17
N THR B 140 -15.06 0.84 -17.43
CA THR B 140 -15.48 0.51 -18.78
C THR B 140 -15.45 1.67 -19.74
N SER B 141 -15.27 2.89 -19.30
CA SER B 141 -15.07 4.03 -20.19
CA SER B 141 -15.09 4.03 -20.17
C SER B 141 -13.62 4.38 -20.43
N CYS B 142 -12.76 4.60 -19.40
CA CYS B 142 -11.40 5.03 -19.58
C CYS B 142 -10.36 3.90 -19.46
N GLY B 143 -10.77 2.70 -18.93
CA GLY B 143 -9.92 1.56 -18.86
C GLY B 143 -9.00 1.61 -17.63
N VAL B 144 -9.08 2.60 -16.74
CA VAL B 144 -8.16 2.57 -15.65
CA VAL B 144 -8.19 2.60 -15.60
C VAL B 144 -8.48 1.39 -14.68
N VAL B 145 -7.36 0.80 -14.18
CA VAL B 145 -7.47 -0.23 -13.20
C VAL B 145 -7.07 0.28 -11.86
N ALA B 146 -7.83 0.05 -10.81
CA ALA B 146 -7.56 0.53 -9.47
C ALA B 146 -7.72 -0.56 -8.42
N GLU B 147 -6.93 -0.51 -7.38
CA GLU B 147 -7.25 -1.29 -6.22
C GLU B 147 -8.50 -0.72 -5.53
N ASN B 148 -9.33 -1.59 -5.02
CA ASN B 148 -10.52 -1.19 -4.27
C ASN B 148 -10.86 -2.20 -3.20
N TYR B 149 -10.64 -1.84 -1.96
CA TYR B 149 -10.97 -2.69 -0.89
C TYR B 149 -12.17 -2.19 -0.06
N LYS B 150 -12.88 -1.20 -0.60
CA LYS B 150 -13.88 -0.53 0.19
C LYS B 150 -15.13 -1.37 0.55
N SER B 151 -15.58 -1.30 1.77
CA SER B 151 -16.72 -2.02 2.18
C SER B 151 -17.79 -1.08 2.68
N PRO B 152 -18.90 -0.91 1.96
CA PRO B 152 -19.21 -1.40 0.63
C PRO B 152 -18.55 -0.70 -0.51
N ILE B 153 -18.42 -1.27 -1.68
CA ILE B 153 -17.79 -0.69 -2.80
C ILE B 153 -18.50 0.61 -3.17
N CYS B 154 -19.82 0.66 -3.09
CA CYS B 154 -20.55 1.97 -3.29
C CYS B 154 -21.73 1.93 -2.33
N PRO B 155 -22.27 3.11 -2.02
CA PRO B 155 -23.31 3.18 -0.94
C PRO B 155 -24.59 2.41 -1.31
N ALA B 156 -24.95 2.36 -2.57
CA ALA B 156 -26.18 1.68 -2.96
C ALA B 156 -26.12 0.17 -2.74
N LEU B 157 -24.89 -0.38 -2.65
CA LEU B 157 -24.69 -1.77 -2.40
C LEU B 157 -24.70 -2.11 -0.93
N SER B 158 -24.75 -1.13 -0.04
CA SER B 158 -24.78 -1.38 1.38
C SER B 158 -26.01 -2.30 1.63
N GLY B 159 -25.74 -3.39 2.32
CA GLY B 159 -26.68 -4.38 2.68
C GLY B 159 -27.24 -5.24 1.60
N LYS B 160 -26.68 -5.15 0.44
CA LYS B 160 -27.11 -5.97 -0.67
C LYS B 160 -26.31 -7.23 -0.90
N GLY B 161 -26.62 -7.99 -1.96
CA GLY B 161 -25.80 -9.21 -2.21
C GLY B 161 -26.15 -10.43 -1.48
N ALA B 162 -27.25 -10.47 -0.69
CA ALA B 162 -27.53 -11.66 0.09
C ALA B 162 -27.78 -12.83 -0.91
N PRO B 163 -27.28 -14.01 -0.54
CA PRO B 163 -27.12 -15.14 -1.44
C PRO B 163 -28.36 -16.07 -1.53
N GLU B 164 -29.33 -15.91 -0.67
CA GLU B 164 -30.39 -16.91 -0.61
C GLU B 164 -31.21 -16.79 -1.88
N PRO B 165 -31.63 -17.93 -2.37
CA PRO B 165 -32.59 -17.96 -3.48
C PRO B 165 -33.88 -17.19 -3.08
N GLY B 166 -34.44 -16.48 -4.05
CA GLY B 166 -35.69 -15.76 -3.81
C GLY B 166 -35.40 -14.35 -3.30
N THR B 167 -34.16 -13.95 -3.01
CA THR B 167 -33.85 -12.61 -2.63
C THR B 167 -34.12 -11.75 -3.90
N GLN B 168 -34.89 -10.73 -3.76
CA GLN B 168 -35.11 -9.84 -4.89
C GLN B 168 -33.89 -9.11 -5.35
N ASP B 169 -33.78 -8.91 -6.68
CA ASP B 169 -32.82 -8.02 -7.33
C ASP B 169 -32.86 -6.66 -6.70
N ALA B 170 -31.67 -6.14 -6.34
CA ALA B 170 -31.55 -4.75 -5.82
C ALA B 170 -32.02 -3.76 -6.88
N SER B 171 -31.78 -4.07 -8.15
CA SER B 171 -32.16 -3.17 -9.28
C SER B 171 -31.65 -1.79 -9.12
N ILE B 172 -30.37 -1.68 -8.82
CA ILE B 172 -29.74 -0.41 -8.65
C ILE B 172 -29.54 0.24 -10.01
N PRO B 173 -29.99 1.46 -10.23
CA PRO B 173 -29.74 2.10 -11.53
C PRO B 173 -28.25 2.26 -11.76
N VAL B 174 -27.87 2.18 -13.02
CA VAL B 174 -26.49 2.20 -13.43
C VAL B 174 -25.69 3.41 -12.78
N GLU B 175 -26.35 4.55 -12.68
CA GLU B 175 -25.75 5.75 -12.12
C GLU B 175 -25.30 5.62 -10.66
N LYS B 176 -25.90 4.64 -9.98
CA LYS B 176 -25.65 4.42 -8.58
C LYS B 176 -24.75 3.18 -8.29
N LEU B 177 -24.40 2.47 -9.37
CA LEU B 177 -23.46 1.36 -9.22
C LEU B 177 -22.03 1.93 -9.07
N PRO B 178 -21.02 1.07 -8.87
CA PRO B 178 -19.70 1.64 -8.69
C PRO B 178 -19.26 2.39 -9.95
N ARG B 179 -18.81 3.65 -9.76
CA ARG B 179 -18.41 4.52 -10.89
CA ARG B 179 -18.40 4.51 -10.87
C ARG B 179 -17.00 5.02 -10.72
N CYS B 180 -16.37 5.25 -11.84
CA CYS B 180 -15.04 5.75 -11.89
C CYS B 180 -14.97 7.14 -11.20
N GLU B 181 -13.95 7.32 -10.34
CA GLU B 181 -13.77 8.57 -9.62
C GLU B 181 -12.82 9.55 -10.36
N GLU B 182 -12.28 9.13 -11.50
CA GLU B 182 -11.39 10.04 -12.21
C GLU B 182 -12.17 11.24 -12.72
N ALA B 183 -11.54 12.40 -12.76
CA ALA B 183 -12.27 13.64 -13.06
C ALA B 183 -12.87 13.59 -14.51
N GLY B 184 -14.16 13.93 -14.59
CA GLY B 184 -14.85 13.89 -15.89
C GLY B 184 -15.09 12.57 -16.57
N CYS B 185 -14.80 11.49 -15.88
CA CYS B 185 -15.11 10.17 -16.42
C CYS B 185 -16.51 9.68 -16.00
N GLY B 186 -16.55 9.14 -14.76
CA GLY B 186 -17.72 8.62 -14.21
C GLY B 186 -18.31 7.39 -14.92
N GLY B 187 -17.45 6.70 -15.65
CA GLY B 187 -17.81 5.43 -16.23
C GLY B 187 -18.22 4.41 -15.26
N LEU B 188 -18.98 3.43 -15.72
CA LEU B 188 -19.36 2.27 -14.91
C LEU B 188 -18.14 1.38 -14.68
N LEU B 189 -17.87 1.03 -13.44
CA LEU B 189 -16.84 0.10 -13.16
C LEU B 189 -17.30 -1.30 -13.28
N ARG B 190 -16.34 -2.22 -13.63
CA ARG B 190 -16.56 -3.64 -13.57
C ARG B 190 -15.44 -4.17 -12.62
N PRO B 191 -15.62 -5.43 -12.04
CA PRO B 191 -14.53 -6.04 -11.39
C PRO B 191 -13.42 -6.23 -12.51
N HIS B 192 -12.16 -6.21 -12.05
CA HIS B 192 -11.01 -6.47 -12.92
C HIS B 192 -10.69 -7.97 -12.78
N VAL B 193 -11.60 -8.73 -13.32
CA VAL B 193 -11.47 -10.17 -13.42
C VAL B 193 -11.66 -10.62 -14.87
N VAL B 194 -11.20 -11.80 -15.26
CA VAL B 194 -11.45 -12.38 -16.57
C VAL B 194 -12.78 -13.15 -16.42
N TRP B 195 -13.77 -12.75 -17.20
CA TRP B 195 -15.01 -13.40 -17.28
C TRP B 195 -14.92 -14.60 -18.27
N PHE B 196 -15.85 -15.50 -18.06
CA PHE B 196 -16.00 -16.60 -19.02
C PHE B 196 -16.27 -16.00 -20.44
N GLY B 197 -15.55 -16.45 -21.49
CA GLY B 197 -15.64 -15.90 -22.79
C GLY B 197 -14.78 -14.76 -23.13
N GLU B 198 -14.00 -14.29 -22.16
CA GLU B 198 -12.99 -13.31 -22.34
C GLU B 198 -11.62 -13.92 -22.30
N ASN B 199 -10.76 -13.45 -23.14
CA ASN B 199 -9.33 -13.95 -23.14
C ASN B 199 -8.59 -13.40 -21.92
N LEU B 200 -7.61 -14.13 -21.56
CA LEU B 200 -6.63 -13.64 -20.62
C LEU B 200 -5.81 -12.50 -21.19
N ASP B 201 -5.14 -11.69 -20.39
CA ASP B 201 -4.33 -10.61 -20.87
C ASP B 201 -3.15 -11.24 -21.61
N PRO B 202 -2.79 -10.77 -22.80
CA PRO B 202 -1.65 -11.32 -23.44
C PRO B 202 -0.34 -11.30 -22.73
N ALA B 203 -0.13 -10.28 -21.93
CA ALA B 203 1.10 -10.20 -21.15
C ALA B 203 1.12 -11.28 -20.07
N ILE B 204 -0.02 -11.63 -19.57
CA ILE B 204 -0.11 -12.76 -18.62
C ILE B 204 0.18 -14.10 -19.32
N LEU B 205 -0.46 -14.27 -20.46
CA LEU B 205 -0.07 -15.44 -21.23
C LEU B 205 1.42 -15.56 -21.49
N GLU B 206 2.07 -14.49 -21.87
CA GLU B 206 3.52 -14.52 -22.06
C GLU B 206 4.26 -14.89 -20.82
N GLU B 207 3.89 -14.30 -19.72
CA GLU B 207 4.56 -14.57 -18.47
C GLU B 207 4.40 -16.08 -18.06
N VAL B 208 3.18 -16.59 -18.17
CA VAL B 208 2.92 -17.98 -17.87
C VAL B 208 3.81 -18.85 -18.76
N ASP B 209 3.78 -18.57 -20.07
CA ASP B 209 4.53 -19.40 -21.02
C ASP B 209 6.00 -19.49 -20.61
N ARG B 210 6.58 -18.38 -20.26
CA ARG B 210 7.98 -18.38 -19.86
C ARG B 210 8.23 -19.21 -18.62
N GLU B 211 7.35 -19.05 -17.66
CA GLU B 211 7.53 -19.91 -16.48
C GLU B 211 7.35 -21.39 -16.72
N LEU B 212 6.39 -21.78 -17.49
CA LEU B 212 6.24 -23.20 -17.81
C LEU B 212 7.38 -23.77 -18.51
N ALA B 213 7.94 -23.00 -19.42
CA ALA B 213 8.98 -23.50 -20.32
C ALA B 213 10.28 -23.65 -19.61
N HIS B 214 10.43 -22.93 -18.46
CA HIS B 214 11.66 -22.97 -17.74
C HIS B 214 11.58 -23.78 -16.43
N CYS B 215 10.44 -24.19 -16.02
CA CYS B 215 10.40 -24.91 -14.78
C CYS B 215 11.02 -26.31 -14.83
N ASP B 216 11.42 -26.76 -13.62
CA ASP B 216 11.94 -28.16 -13.54
C ASP B 216 11.10 -29.00 -12.55
N LEU B 217 10.05 -28.44 -11.99
CA LEU B 217 9.16 -29.12 -11.11
C LEU B 217 7.83 -28.30 -11.06
N CYS B 218 6.67 -28.96 -11.11
CA CYS B 218 5.42 -28.25 -11.13
C CYS B 218 4.51 -28.92 -10.08
N LEU B 219 3.83 -28.10 -9.32
CA LEU B 219 2.78 -28.58 -8.51
C LEU B 219 1.43 -27.97 -8.91
N VAL B 220 0.37 -28.76 -8.92
CA VAL B 220 -0.94 -28.32 -9.34
CA VAL B 220 -0.94 -28.32 -9.34
C VAL B 220 -1.91 -28.54 -8.17
N VAL B 221 -2.34 -27.47 -7.54
CA VAL B 221 -2.91 -27.57 -6.23
C VAL B 221 -4.32 -27.06 -6.20
N GLY B 222 -5.22 -27.94 -5.70
CA GLY B 222 -6.56 -27.48 -5.48
C GLY B 222 -7.32 -26.95 -6.74
N THR B 223 -7.10 -27.62 -7.89
CA THR B 223 -7.78 -27.13 -9.03
C THR B 223 -8.49 -28.40 -9.72
N SER B 224 -9.68 -28.17 -10.26
CA SER B 224 -10.45 -29.12 -11.00
C SER B 224 -9.90 -29.45 -12.37
N SER B 225 -9.00 -28.57 -12.84
CA SER B 225 -8.38 -28.74 -14.13
C SER B 225 -9.43 -28.93 -15.26
N VAL B 226 -10.50 -28.13 -15.18
CA VAL B 226 -11.52 -28.05 -16.24
C VAL B 226 -11.65 -26.75 -17.00
N VAL B 227 -11.20 -25.63 -16.36
CA VAL B 227 -11.23 -24.36 -17.08
C VAL B 227 -10.03 -24.08 -17.81
N TYR B 228 -10.16 -23.71 -19.06
CA TYR B 228 -9.11 -23.42 -19.99
C TYR B 228 -8.94 -21.87 -20.15
N PRO B 229 -7.73 -21.43 -20.48
CA PRO B 229 -6.49 -22.21 -20.66
C PRO B 229 -5.76 -22.71 -19.45
N ALA B 230 -6.13 -22.34 -18.27
CA ALA B 230 -5.35 -22.80 -17.16
C ALA B 230 -5.19 -24.32 -17.04
N ALA B 231 -6.23 -25.10 -17.45
CA ALA B 231 -6.17 -26.51 -17.35
C ALA B 231 -5.07 -27.10 -18.19
N MET B 232 -4.65 -26.39 -19.22
CA MET B 232 -3.58 -26.81 -20.16
CA MET B 232 -3.57 -26.91 -20.10
C MET B 232 -2.15 -26.74 -19.59
N PHE B 233 -1.98 -25.89 -18.55
CA PHE B 233 -0.66 -25.52 -18.10
C PHE B 233 0.17 -26.74 -17.60
N ALA B 234 -0.38 -27.35 -16.54
CA ALA B 234 0.36 -28.45 -15.98
C ALA B 234 0.64 -29.62 -16.95
N PRO B 235 -0.42 -29.94 -17.75
CA PRO B 235 -0.16 -31.02 -18.73
C PRO B 235 0.96 -30.64 -19.70
N GLN B 236 1.07 -29.37 -20.08
CA GLN B 236 2.19 -28.99 -20.96
C GLN B 236 3.58 -29.24 -20.36
N VAL B 237 3.72 -29.00 -19.09
CA VAL B 237 4.91 -29.26 -18.31
C VAL B 237 5.16 -30.76 -18.33
N ALA B 238 4.16 -31.57 -18.02
CA ALA B 238 4.34 -33.04 -17.96
C ALA B 238 4.74 -33.58 -19.32
N ALA B 239 4.21 -32.97 -20.38
CA ALA B 239 4.52 -33.45 -21.69
C ALA B 239 5.98 -33.24 -22.15
N ARG B 240 6.59 -32.27 -21.51
CA ARG B 240 8.04 -31.97 -21.64
CA ARG B 240 8.03 -31.95 -21.66
C ARG B 240 8.88 -32.97 -20.90
N GLY B 241 8.26 -33.89 -20.12
CA GLY B 241 9.05 -34.76 -19.27
C GLY B 241 9.36 -34.19 -17.88
N VAL B 242 8.74 -33.10 -17.51
CA VAL B 242 9.00 -32.51 -16.20
C VAL B 242 8.00 -33.07 -15.18
N PRO B 243 8.47 -33.49 -13.98
CA PRO B 243 7.53 -34.03 -13.01
C PRO B 243 6.50 -32.98 -12.52
N VAL B 244 5.27 -33.40 -12.52
CA VAL B 244 4.09 -32.68 -12.02
C VAL B 244 3.49 -33.45 -10.90
N ALA B 245 3.24 -32.77 -9.77
CA ALA B 245 2.57 -33.32 -8.65
C ALA B 245 1.21 -32.61 -8.40
N GLU B 246 0.17 -33.34 -8.47
CA GLU B 246 -1.20 -32.82 -8.27
C GLU B 246 -1.54 -33.05 -6.75
N PHE B 247 -1.99 -32.01 -6.05
CA PHE B 247 -2.40 -32.04 -4.69
C PHE B 247 -3.90 -31.72 -4.75
N ASN B 248 -4.73 -32.68 -4.40
CA ASN B 248 -6.13 -32.52 -4.47
C ASN B 248 -6.84 -33.47 -3.53
N THR B 249 -8.03 -33.13 -3.05
CA THR B 249 -8.82 -34.10 -2.30
C THR B 249 -9.47 -35.15 -3.19
N GLU B 250 -9.47 -34.96 -4.51
CA GLU B 250 -9.99 -35.92 -5.45
C GLU B 250 -9.12 -36.08 -6.68
N THR B 251 -9.43 -37.06 -7.50
CA THR B 251 -8.83 -37.12 -8.77
C THR B 251 -9.64 -36.25 -9.71
N THR B 252 -9.00 -35.91 -10.81
CA THR B 252 -9.55 -34.94 -11.83
C THR B 252 -9.28 -35.51 -13.23
N PRO B 253 -9.80 -34.84 -14.28
CA PRO B 253 -9.49 -35.35 -15.64
C PRO B 253 -8.06 -35.29 -16.02
N ALA B 254 -7.28 -34.50 -15.25
CA ALA B 254 -5.86 -34.38 -15.58
C ALA B 254 -4.97 -35.39 -14.84
N THR B 255 -5.47 -36.01 -13.76
CA THR B 255 -4.64 -36.78 -12.84
C THR B 255 -3.69 -37.71 -13.55
N ASN B 256 -4.19 -38.47 -14.50
CA ASN B 256 -3.35 -39.49 -15.13
C ASN B 256 -2.27 -38.94 -16.09
N ARG B 257 -2.29 -37.65 -16.31
CA ARG B 257 -1.24 -36.96 -17.09
CA ARG B 257 -1.24 -36.97 -17.10
C ARG B 257 -0.01 -36.68 -16.27
N PHE B 258 -0.11 -36.79 -14.93
CA PHE B 258 0.93 -36.27 -14.05
C PHE B 258 1.78 -37.34 -13.41
N ARG B 259 2.93 -36.94 -12.90
CA ARG B 259 3.83 -37.91 -12.26
C ARG B 259 3.42 -38.34 -10.87
N PHE B 260 2.80 -37.41 -10.11
CA PHE B 260 2.38 -37.74 -8.79
C PHE B 260 0.96 -37.25 -8.51
N HIS B 261 0.25 -37.89 -7.59
CA HIS B 261 -1.07 -37.47 -7.10
C HIS B 261 -1.03 -37.67 -5.60
N PHE B 262 -1.19 -36.59 -4.82
CA PHE B 262 -1.20 -36.59 -3.37
C PHE B 262 -2.61 -36.21 -2.95
N GLN B 263 -3.30 -37.17 -2.39
CA GLN B 263 -4.64 -37.03 -1.99
C GLN B 263 -4.70 -36.40 -0.63
N GLY B 264 -5.61 -35.56 -0.45
CA GLY B 264 -6.00 -35.05 0.85
C GLY B 264 -6.10 -33.55 0.81
N PRO B 265 -6.47 -32.90 1.92
CA PRO B 265 -6.57 -31.45 1.92
C PRO B 265 -5.14 -30.97 1.86
N CYS B 266 -4.96 -29.94 1.03
N CYS B 266 -5.00 -29.94 1.02
CA CYS B 266 -3.63 -29.40 0.80
CA CYS B 266 -3.75 -29.26 0.78
C CYS B 266 -3.08 -28.62 1.98
C CYS B 266 -3.10 -28.64 1.98
N GLY B 267 -3.94 -28.22 2.92
CA GLY B 267 -3.51 -27.58 4.15
C GLY B 267 -2.72 -28.58 5.01
N THR B 268 -2.91 -29.92 4.77
CA THR B 268 -2.12 -30.92 5.40
CA THR B 268 -2.14 -30.94 5.41
C THR B 268 -0.98 -31.39 4.55
N THR B 269 -1.20 -31.62 3.27
CA THR B 269 -0.17 -32.17 2.45
C THR B 269 0.92 -31.24 1.98
N LEU B 270 0.58 -29.97 1.75
CA LEU B 270 1.59 -28.99 1.32
C LEU B 270 2.68 -28.70 2.35
N PRO B 271 2.32 -28.52 3.67
CA PRO B 271 3.37 -28.26 4.60
C PRO B 271 4.39 -29.48 4.68
N GLU B 272 3.89 -30.71 4.47
CA GLU B 272 4.72 -31.85 4.45
C GLU B 272 5.59 -31.91 3.14
N ALA B 273 4.98 -31.65 2.02
CA ALA B 273 5.69 -31.72 0.79
C ALA B 273 6.80 -30.67 0.62
N LEU B 274 6.49 -29.47 1.15
CA LEU B 274 7.34 -28.31 0.99
C LEU B 274 8.23 -27.96 2.11
N ALA B 275 8.31 -28.84 3.05
CA ALA B 275 9.14 -28.60 4.15
C ALA B 275 10.64 -28.45 3.81
N ILE C 2 -2.62 3.23 -29.25
CA ILE C 2 -2.75 3.86 -27.89
C ILE C 2 -3.65 5.09 -27.84
N ASP C 3 -4.98 4.76 -27.86
CA ASP C 3 -6.14 5.63 -27.32
C ASP C 3 -6.00 7.05 -27.97
N PRO C 4 -5.75 8.14 -27.25
CA PRO C 4 -5.87 9.48 -27.89
C PRO C 4 -4.53 10.02 -28.50
N PHE C 5 -3.44 9.20 -28.53
CA PHE C 5 -2.08 9.64 -28.87
C PHE C 5 -1.67 9.07 -30.24
N THR C 6 -2.16 7.91 -30.50
CA THR C 6 -1.55 7.03 -31.53
C THR C 6 -2.33 7.18 -32.84
N ALA C 7 -1.63 7.39 -33.97
CA ALA C 7 -2.27 7.53 -35.27
C ALA C 7 -2.87 6.18 -35.68
N ARG C 8 -3.92 6.20 -36.48
CA ARG C 8 -4.45 4.96 -37.03
C ARG C 8 -3.48 4.41 -38.05
N PRO C 9 -3.53 3.11 -38.37
CA PRO C 9 -2.75 2.62 -39.51
C PRO C 9 -3.00 3.28 -40.79
N SER C 10 -1.96 3.30 -41.63
CA SER C 10 -2.00 3.97 -42.95
C SER C 10 -2.46 2.89 -43.95
N SER C 11 -3.22 3.41 -44.92
CA SER C 11 -3.56 2.63 -46.13
C SER C 11 -2.82 3.05 -47.37
N SER C 12 -1.70 3.71 -47.17
CA SER C 12 -0.86 4.18 -48.29
C SER C 12 0.13 3.06 -48.80
N MET C 13 -0.21 2.44 -49.94
CA MET C 13 0.68 1.55 -50.66
C MET C 13 1.92 2.25 -51.13
N ALA C 14 1.83 3.52 -51.51
CA ALA C 14 3.05 4.11 -51.96
C ALA C 14 4.06 4.19 -50.78
N ASP C 15 3.56 4.44 -49.54
CA ASP C 15 4.44 4.51 -48.42
C ASP C 15 5.05 3.17 -48.07
N PHE C 16 4.22 2.16 -48.14
CA PHE C 16 4.68 0.82 -47.82
C PHE C 16 5.79 0.43 -48.87
N ARG C 17 5.53 0.86 -50.14
CA ARG C 17 6.45 0.51 -51.23
C ARG C 17 7.86 1.13 -51.03
N LYS C 18 7.91 2.33 -50.45
CA LYS C 18 9.15 2.95 -50.14
C LYS C 18 9.99 2.10 -49.13
N PHE C 19 9.33 1.56 -48.10
CA PHE C 19 10.00 0.63 -47.14
C PHE C 19 10.39 -0.66 -47.95
N PHE C 20 9.47 -1.21 -48.78
CA PHE C 20 9.74 -2.43 -49.43
C PHE C 20 10.94 -2.36 -50.35
N ALA C 21 11.17 -1.19 -51.02
CA ALA C 21 12.28 -1.05 -51.87
C ALA C 21 13.60 -1.21 -51.19
N LYS C 22 13.68 -0.88 -49.89
CA LYS C 22 14.95 -0.78 -49.17
C LYS C 22 15.16 -1.91 -48.18
N ALA C 23 14.11 -2.69 -47.89
CA ALA C 23 14.16 -3.70 -46.88
C ALA C 23 15.12 -4.83 -47.24
N LYS C 24 15.95 -5.18 -46.28
CA LYS C 24 16.93 -6.23 -46.47
C LYS C 24 16.46 -7.60 -45.88
N HIS C 25 15.42 -7.59 -45.04
CA HIS C 25 15.08 -8.76 -44.27
C HIS C 25 13.59 -8.66 -43.94
N ILE C 26 12.76 -9.32 -44.78
CA ILE C 26 11.33 -9.27 -44.66
C ILE C 26 10.81 -10.57 -44.04
N VAL C 27 9.97 -10.45 -43.01
CA VAL C 27 9.22 -11.49 -42.47
C VAL C 27 7.78 -11.39 -42.86
N ILE C 28 7.24 -12.44 -43.41
CA ILE C 28 5.86 -12.57 -43.80
C ILE C 28 5.20 -13.64 -42.89
N ILE C 29 4.29 -13.22 -42.03
CA ILE C 29 3.57 -14.15 -41.16
C ILE C 29 2.22 -14.42 -41.82
N SER C 30 1.81 -15.66 -42.04
CA SER C 30 0.56 -16.00 -42.69
C SER C 30 -0.32 -16.84 -41.84
N GLY C 31 -1.62 -16.70 -42.09
CA GLY C 31 -2.60 -17.58 -41.61
C GLY C 31 -3.61 -18.06 -42.69
N ALA C 32 -4.71 -18.60 -42.28
CA ALA C 32 -5.51 -19.37 -43.18
C ALA C 32 -6.10 -18.50 -44.27
N GLY C 33 -6.25 -17.21 -44.05
CA GLY C 33 -6.75 -16.33 -45.06
C GLY C 33 -5.89 -16.33 -46.35
N VAL C 34 -4.64 -16.65 -46.21
CA VAL C 34 -3.78 -16.65 -47.41
C VAL C 34 -4.13 -17.79 -48.34
N SER C 35 -4.82 -18.79 -47.85
CA SER C 35 -5.21 -19.96 -48.63
C SER C 35 -6.68 -19.93 -48.95
N ALA C 36 -7.48 -19.01 -48.47
CA ALA C 36 -8.95 -18.98 -48.69
C ALA C 36 -9.20 -18.98 -50.20
N GLU C 37 -8.40 -18.26 -50.95
CA GLU C 37 -8.68 -18.05 -52.40
C GLU C 37 -8.25 -19.31 -53.18
N SER C 38 -7.60 -20.28 -52.52
CA SER C 38 -7.36 -21.57 -53.10
C SER C 38 -8.52 -22.49 -52.85
N GLY C 39 -9.56 -22.07 -52.14
CA GLY C 39 -10.66 -22.99 -51.78
C GLY C 39 -10.38 -23.75 -50.47
N VAL C 40 -9.38 -23.36 -49.69
CA VAL C 40 -9.08 -24.03 -48.45
C VAL C 40 -9.92 -23.39 -47.34
N PRO C 41 -10.75 -24.17 -46.61
CA PRO C 41 -11.50 -23.58 -45.56
C PRO C 41 -10.66 -22.94 -44.51
N THR C 42 -11.13 -21.84 -43.89
CA THR C 42 -10.44 -21.23 -42.74
C THR C 42 -11.00 -21.82 -41.42
N PHE C 43 -10.55 -21.37 -40.30
CA PHE C 43 -11.09 -21.73 -39.00
C PHE C 43 -12.42 -20.99 -38.64
N ARG C 44 -12.64 -19.90 -39.27
CA ARG C 44 -13.82 -19.04 -39.02
C ARG C 44 -14.94 -19.52 -39.89
N GLY C 45 -16.14 -19.35 -39.37
CA GLY C 45 -17.35 -19.71 -40.14
C GLY C 45 -17.59 -21.16 -40.47
N ALA C 46 -18.02 -21.50 -41.66
CA ALA C 46 -18.43 -22.81 -41.94
C ALA C 46 -17.35 -23.84 -41.99
N GLY C 47 -16.14 -23.43 -42.40
CA GLY C 47 -15.18 -24.50 -42.76
C GLY C 47 -14.54 -25.02 -41.47
N GLY C 48 -14.65 -24.24 -40.37
CA GLY C 48 -14.18 -24.61 -39.06
C GLY C 48 -15.05 -25.55 -38.16
N TYR C 49 -16.12 -26.10 -38.77
CA TYR C 49 -16.93 -27.20 -38.25
C TYR C 49 -16.69 -28.44 -39.07
N TRP C 50 -16.66 -29.63 -38.40
CA TRP C 50 -16.62 -30.92 -39.05
C TRP C 50 -17.54 -31.80 -38.22
N ARG C 51 -18.54 -32.36 -38.93
CA ARG C 51 -19.58 -33.10 -38.27
C ARG C 51 -20.11 -32.19 -37.21
N LYS C 52 -20.23 -32.60 -35.98
CA LYS C 52 -20.74 -31.64 -35.03
C LYS C 52 -19.77 -30.91 -34.24
N TRP C 53 -18.50 -30.98 -34.57
CA TRP C 53 -17.48 -30.40 -33.79
C TRP C 53 -16.88 -29.19 -34.42
N GLN C 54 -16.22 -28.44 -33.57
CA GLN C 54 -15.36 -27.39 -34.00
C GLN C 54 -13.97 -27.93 -34.09
N ALA C 55 -13.30 -27.44 -35.08
CA ALA C 55 -12.01 -27.91 -35.38
C ALA C 55 -11.05 -27.83 -34.15
N GLN C 56 -11.22 -26.78 -33.30
CA GLN C 56 -10.40 -26.63 -32.17
C GLN C 56 -10.65 -27.60 -31.08
N ASP C 57 -11.81 -28.27 -31.09
CA ASP C 57 -12.20 -29.30 -30.15
C ASP C 57 -11.51 -30.62 -30.49
N LEU C 58 -11.29 -30.88 -31.76
CA LEU C 58 -10.79 -32.08 -32.29
C LEU C 58 -9.23 -32.14 -32.31
N ALA C 59 -8.64 -30.96 -32.51
CA ALA C 59 -7.24 -30.79 -32.61
C ALA C 59 -6.65 -30.54 -31.22
N THR C 60 -6.83 -31.56 -30.39
CA THR C 60 -6.38 -31.52 -28.98
C THR C 60 -5.85 -32.88 -28.52
N PRO C 61 -4.88 -32.90 -27.60
CA PRO C 61 -4.42 -34.23 -27.06
C PRO C 61 -5.51 -34.99 -26.42
N LEU C 62 -6.43 -34.35 -25.74
CA LEU C 62 -7.50 -35.07 -25.06
C LEU C 62 -8.47 -35.70 -26.04
N ALA C 63 -8.79 -35.00 -27.15
CA ALA C 63 -9.64 -35.61 -28.15
C ALA C 63 -8.96 -36.86 -28.69
N PHE C 64 -7.69 -36.74 -29.00
CA PHE C 64 -6.97 -37.87 -29.53
C PHE C 64 -6.88 -39.06 -28.59
N ALA C 65 -6.66 -38.78 -27.32
CA ALA C 65 -6.57 -39.80 -26.34
C ALA C 65 -7.87 -40.54 -26.25
N HIS C 66 -8.99 -39.76 -26.21
CA HIS C 66 -10.34 -40.40 -26.00
C HIS C 66 -10.87 -41.09 -27.23
N ASN C 67 -10.54 -40.60 -28.42
CA ASN C 67 -11.15 -41.16 -29.58
C ASN C 67 -10.20 -40.87 -30.76
N PRO C 68 -9.15 -41.65 -30.85
CA PRO C 68 -8.17 -41.39 -31.93
C PRO C 68 -8.78 -41.69 -33.29
N SER C 69 -9.74 -42.65 -33.41
CA SER C 69 -10.38 -42.96 -34.68
C SER C 69 -11.06 -41.65 -35.22
N ARG C 70 -11.82 -40.99 -34.35
CA ARG C 70 -12.51 -39.83 -34.76
C ARG C 70 -11.55 -38.72 -35.18
N VAL C 71 -10.51 -38.48 -34.40
CA VAL C 71 -9.53 -37.48 -34.72
C VAL C 71 -8.85 -37.83 -36.09
N TRP C 72 -8.52 -39.07 -36.32
CA TRP C 72 -7.94 -39.48 -37.56
C TRP C 72 -8.95 -39.28 -38.70
N GLU C 73 -10.21 -39.56 -38.50
CA GLU C 73 -11.21 -39.28 -39.52
C GLU C 73 -11.19 -37.82 -39.98
N PHE C 74 -11.03 -36.95 -38.97
CA PHE C 74 -11.03 -35.54 -39.26
C PHE C 74 -9.78 -35.11 -40.01
N TYR C 75 -8.62 -35.61 -39.60
CA TYR C 75 -7.43 -35.31 -40.39
C TYR C 75 -7.42 -35.97 -41.75
N HIS C 76 -7.95 -37.18 -41.87
CA HIS C 76 -8.09 -37.82 -43.18
C HIS C 76 -8.86 -36.92 -44.12
N TYR C 77 -10.01 -36.43 -43.62
CA TYR C 77 -10.81 -35.51 -44.40
C TYR C 77 -10.01 -34.33 -44.88
N ARG C 78 -9.25 -33.75 -43.94
CA ARG C 78 -8.49 -32.57 -44.31
C ARG C 78 -7.44 -32.88 -45.37
N ARG C 79 -6.78 -34.00 -45.26
CA ARG C 79 -5.82 -34.39 -46.29
C ARG C 79 -6.49 -34.57 -47.63
N GLU C 80 -7.65 -35.18 -47.59
CA GLU C 80 -8.39 -35.45 -48.86
C GLU C 80 -8.82 -34.07 -49.48
N VAL C 81 -9.32 -33.13 -48.66
CA VAL C 81 -9.63 -31.80 -49.18
C VAL C 81 -8.46 -31.14 -49.89
N MET C 82 -7.28 -31.28 -49.27
CA MET C 82 -6.11 -30.72 -49.86
C MET C 82 -5.65 -31.30 -51.16
N GLY C 83 -6.05 -32.51 -51.45
CA GLY C 83 -5.58 -33.14 -52.73
C GLY C 83 -5.86 -32.40 -53.98
N SER C 84 -6.93 -31.60 -54.00
CA SER C 84 -7.26 -30.90 -55.18
C SER C 84 -6.80 -29.43 -55.25
N LYS C 85 -6.18 -28.94 -54.19
CA LYS C 85 -5.98 -27.53 -54.04
C LYS C 85 -4.63 -27.11 -54.54
N GLU C 86 -4.59 -25.89 -55.08
CA GLU C 86 -3.40 -25.27 -55.62
C GLU C 86 -3.12 -23.95 -55.02
N PRO C 87 -1.82 -23.52 -55.06
CA PRO C 87 -1.50 -22.15 -54.62
C PRO C 87 -2.27 -21.08 -55.39
N ASN C 88 -2.56 -19.96 -54.75
CA ASN C 88 -3.25 -18.88 -55.40
C ASN C 88 -2.21 -17.78 -55.65
N ALA C 89 -2.65 -16.68 -56.27
CA ALA C 89 -1.81 -15.59 -56.62
C ALA C 89 -1.12 -14.95 -55.39
N GLY C 90 -1.70 -15.07 -54.25
CA GLY C 90 -1.04 -14.58 -53.05
C GLY C 90 0.17 -15.38 -52.69
N HIS C 91 -0.05 -16.73 -52.65
CA HIS C 91 1.07 -17.61 -52.41
C HIS C 91 2.22 -17.38 -53.41
N ARG C 92 1.77 -17.23 -54.66
CA ARG C 92 2.76 -17.11 -55.72
C ARG C 92 3.54 -15.82 -55.60
N ALA C 93 2.85 -14.69 -55.29
CA ALA C 93 3.53 -13.43 -55.12
C ALA C 93 4.63 -13.51 -54.02
N ILE C 94 4.21 -14.18 -52.96
CA ILE C 94 5.12 -14.38 -51.79
C ILE C 94 6.39 -15.15 -52.23
N ALA C 95 6.18 -16.24 -52.97
CA ALA C 95 7.27 -17.04 -53.48
C ALA C 95 8.18 -16.35 -54.44
N GLU C 96 7.54 -15.64 -55.39
CA GLU C 96 8.30 -14.88 -56.39
C GLU C 96 9.13 -13.77 -55.71
N CYS C 97 8.55 -13.10 -54.69
CA CYS C 97 9.26 -12.10 -53.99
C CYS C 97 10.52 -12.66 -53.39
N GLU C 98 10.38 -13.77 -52.66
CA GLU C 98 11.59 -14.38 -52.07
C GLU C 98 12.67 -14.70 -53.12
N THR C 99 12.28 -15.27 -54.22
CA THR C 99 13.26 -15.61 -55.29
C THR C 99 13.94 -14.35 -55.81
N ARG C 100 13.13 -13.34 -56.16
CA ARG C 100 13.70 -12.12 -56.77
C ARG C 100 14.61 -11.38 -55.79
N LEU C 101 14.15 -11.18 -54.56
CA LEU C 101 14.97 -10.51 -53.60
C LEU C 101 16.22 -11.28 -53.23
N GLY C 102 16.11 -12.59 -53.19
CA GLY C 102 17.25 -13.46 -52.89
C GLY C 102 18.36 -13.24 -53.92
N LYS C 103 18.02 -13.04 -55.18
CA LYS C 103 19.05 -12.75 -56.19
C LYS C 103 19.79 -11.44 -55.94
N GLN C 104 19.17 -10.53 -55.18
CA GLN C 104 19.75 -9.25 -54.75
C GLN C 104 20.47 -9.31 -53.40
N GLY C 105 20.52 -10.48 -52.78
CA GLY C 105 21.04 -10.67 -51.40
C GLY C 105 20.13 -10.23 -50.29
N ARG C 106 18.83 -10.10 -50.62
CA ARG C 106 17.83 -9.64 -49.66
C ARG C 106 16.99 -10.86 -49.20
N ARG C 107 16.74 -10.93 -47.88
CA ARG C 107 16.11 -12.12 -47.32
C ARG C 107 14.62 -11.90 -47.16
N VAL C 108 13.85 -12.95 -47.52
CA VAL C 108 12.42 -13.06 -47.26
C VAL C 108 12.19 -14.42 -46.57
N VAL C 109 11.48 -14.38 -45.45
CA VAL C 109 11.09 -15.59 -44.75
CA VAL C 109 11.11 -15.59 -44.71
C VAL C 109 9.61 -15.57 -44.46
N VAL C 110 9.01 -16.74 -44.66
CA VAL C 110 7.57 -16.91 -44.39
C VAL C 110 7.44 -17.73 -43.08
N ILE C 111 6.74 -17.19 -42.12
CA ILE C 111 6.38 -17.88 -40.92
C ILE C 111 4.90 -18.17 -41.00
N THR C 112 4.55 -19.40 -41.23
CA THR C 112 3.18 -19.77 -41.45
C THR C 112 2.55 -20.51 -40.24
N GLN C 113 1.27 -20.16 -39.96
CA GLN C 113 0.50 -20.95 -39.10
C GLN C 113 -0.19 -22.13 -39.82
N ASN C 114 -0.17 -22.11 -41.15
CA ASN C 114 -0.93 -23.03 -41.93
C ASN C 114 -0.24 -24.38 -41.98
N ILE C 115 -1.03 -25.42 -42.05
CA ILE C 115 -0.50 -26.76 -42.06
C ILE C 115 -0.72 -27.37 -43.50
N ASP C 116 -1.16 -26.52 -44.42
CA ASP C 116 -1.64 -26.94 -45.72
C ASP C 116 -0.51 -27.14 -46.81
N GLU C 117 0.71 -26.75 -46.54
CA GLU C 117 1.77 -26.86 -47.48
C GLU C 117 1.71 -26.05 -48.79
N LEU C 118 0.66 -25.20 -48.88
CA LEU C 118 0.53 -24.42 -50.16
C LEU C 118 1.72 -23.44 -50.35
N HIS C 119 2.32 -22.94 -49.26
CA HIS C 119 3.51 -22.19 -49.53
C HIS C 119 4.65 -22.93 -50.18
N ARG C 120 4.76 -24.18 -49.73
N ARG C 120 4.75 -24.18 -49.73
CA ARG C 120 5.74 -25.06 -50.35
CA ARG C 120 5.69 -25.08 -50.42
C ARG C 120 5.43 -25.30 -51.82
C ARG C 120 5.42 -25.27 -51.83
N LYS C 121 4.19 -25.60 -52.12
CA LYS C 121 3.82 -25.84 -53.48
C LYS C 121 4.04 -24.64 -54.45
N ALA C 122 3.91 -23.40 -53.84
CA ALA C 122 4.15 -22.17 -54.55
C ALA C 122 5.61 -21.88 -54.88
N GLY C 123 6.52 -22.56 -54.10
CA GLY C 123 7.93 -22.34 -54.23
C GLY C 123 8.59 -21.53 -53.17
N THR C 124 7.95 -21.30 -52.01
CA THR C 124 8.68 -20.69 -50.93
C THR C 124 9.74 -21.58 -50.43
N LYS C 125 10.96 -21.10 -50.21
CA LYS C 125 12.07 -21.90 -49.68
C LYS C 125 12.24 -21.67 -48.19
N ASN C 126 12.27 -20.40 -47.77
CA ASN C 126 12.46 -20.02 -46.40
C ASN C 126 11.14 -20.07 -45.66
N LEU C 127 10.67 -21.24 -45.35
CA LEU C 127 9.39 -21.45 -44.80
C LEU C 127 9.54 -22.05 -43.39
N LEU C 128 8.91 -21.44 -42.40
CA LEU C 128 8.80 -21.95 -41.05
C LEU C 128 7.35 -22.39 -40.80
N GLU C 129 7.04 -23.64 -40.73
CA GLU C 129 5.73 -24.16 -40.49
C GLU C 129 5.51 -24.28 -38.97
N ILE C 130 5.13 -23.28 -38.27
CA ILE C 130 5.23 -23.32 -36.90
C ILE C 130 4.21 -24.16 -36.21
N HIS C 131 3.19 -24.59 -36.93
CA HIS C 131 2.21 -25.46 -36.34
C HIS C 131 2.21 -26.91 -36.95
N GLY C 132 3.27 -27.17 -37.72
CA GLY C 132 3.45 -28.44 -38.35
C GLY C 132 2.82 -28.60 -39.71
N SER C 133 2.54 -29.85 -40.07
CA SER C 133 2.07 -30.16 -41.35
C SER C 133 1.09 -31.25 -41.39
N LEU C 134 0.00 -31.12 -42.18
CA LEU C 134 -0.97 -32.14 -42.46
C LEU C 134 -0.35 -33.41 -43.07
N PHE C 135 0.76 -33.23 -43.75
CA PHE C 135 1.39 -34.27 -44.53
C PHE C 135 2.67 -34.84 -43.84
N LYS C 136 2.72 -34.77 -42.49
CA LYS C 136 3.73 -35.40 -41.71
C LYS C 136 3.00 -36.15 -40.60
N THR C 137 3.58 -37.26 -40.22
CA THR C 137 3.16 -38.02 -39.06
C THR C 137 4.28 -38.02 -38.01
N ARG C 138 3.81 -38.26 -36.79
CA ARG C 138 4.76 -38.50 -35.75
C ARG C 138 4.29 -39.76 -34.96
N CYS C 139 5.25 -40.65 -34.69
CA CYS C 139 4.95 -41.86 -33.95
C CYS C 139 4.86 -41.54 -32.43
N THR C 140 3.73 -41.94 -31.84
CA THR C 140 3.56 -41.74 -30.41
C THR C 140 4.39 -42.67 -29.51
N SER C 141 5.00 -43.69 -30.10
CA SER C 141 5.86 -44.64 -29.39
C SER C 141 7.31 -44.28 -29.56
N CYS C 142 7.84 -44.13 -30.77
CA CYS C 142 9.28 -43.92 -31.03
C CYS C 142 9.65 -42.49 -31.38
N GLY C 143 8.63 -41.63 -31.62
CA GLY C 143 8.82 -40.24 -31.96
C GLY C 143 9.30 -39.93 -33.35
N VAL C 144 9.41 -40.94 -34.24
CA VAL C 144 9.89 -40.58 -35.56
CA VAL C 144 9.86 -40.63 -35.57
C VAL C 144 8.87 -39.71 -36.31
N VAL C 145 9.41 -38.70 -37.02
CA VAL C 145 8.60 -37.87 -37.90
C VAL C 145 8.82 -38.35 -39.31
N ALA C 146 7.74 -38.46 -40.10
CA ALA C 146 7.87 -38.91 -41.43
C ALA C 146 6.90 -38.06 -42.34
N GLU C 147 7.31 -37.91 -43.60
CA GLU C 147 6.41 -37.31 -44.55
C GLU C 147 5.40 -38.39 -44.93
N ASN C 148 4.17 -38.01 -45.14
CA ASN C 148 3.14 -38.91 -45.53
C ASN C 148 2.10 -38.20 -46.36
N TYR C 149 2.10 -38.50 -47.63
CA TYR C 149 1.14 -37.90 -48.54
C TYR C 149 0.12 -38.94 -49.06
N LYS C 150 0.16 -40.14 -48.52
CA LYS C 150 -0.58 -41.25 -49.07
C LYS C 150 -2.11 -41.07 -48.93
N SER C 151 -2.84 -41.40 -50.00
CA SER C 151 -4.26 -41.29 -49.99
C SER C 151 -4.83 -42.62 -50.26
N PRO C 152 -5.48 -43.34 -49.28
CA PRO C 152 -5.60 -42.94 -47.84
C PRO C 152 -4.44 -43.30 -47.09
N ILE C 153 -4.30 -42.60 -45.96
CA ILE C 153 -3.15 -42.82 -45.14
C ILE C 153 -3.06 -44.25 -44.63
N CYS C 154 -4.18 -44.86 -44.36
CA CYS C 154 -4.19 -46.30 -44.07
C CYS C 154 -5.48 -46.85 -44.72
N PRO C 155 -5.45 -48.21 -44.94
CA PRO C 155 -6.63 -48.79 -45.68
C PRO C 155 -7.94 -48.64 -44.92
N ALA C 156 -7.92 -48.61 -43.61
CA ALA C 156 -9.20 -48.54 -42.90
C ALA C 156 -9.89 -47.20 -43.00
N LEU C 157 -9.12 -46.16 -43.36
CA LEU C 157 -9.69 -44.86 -43.52
C LEU C 157 -10.23 -44.66 -44.94
N SER C 158 -10.03 -45.60 -45.87
CA SER C 158 -10.55 -45.50 -47.20
C SER C 158 -12.06 -45.25 -47.10
N GLY C 159 -12.49 -44.15 -47.72
CA GLY C 159 -13.90 -43.74 -47.69
C GLY C 159 -14.51 -43.24 -46.47
N LYS C 160 -13.67 -42.95 -45.46
CA LYS C 160 -14.13 -42.38 -44.27
C LYS C 160 -13.89 -40.84 -44.19
N GLY C 161 -14.23 -40.24 -43.03
CA GLY C 161 -13.95 -38.81 -42.93
C GLY C 161 -14.98 -37.86 -43.49
N ALA C 162 -16.14 -38.40 -43.99
CA ALA C 162 -17.20 -37.54 -44.47
C ALA C 162 -17.62 -36.54 -43.36
N PRO C 163 -17.77 -35.23 -43.80
CA PRO C 163 -17.93 -34.16 -42.86
C PRO C 163 -19.27 -33.86 -42.33
N GLU C 164 -20.29 -34.49 -42.95
CA GLU C 164 -21.66 -34.13 -42.71
C GLU C 164 -21.91 -34.60 -41.32
N PRO C 165 -22.65 -33.80 -40.62
CA PRO C 165 -22.82 -34.40 -39.26
C PRO C 165 -23.82 -35.50 -39.29
N GLY C 166 -23.80 -36.32 -38.27
CA GLY C 166 -24.75 -37.52 -38.27
C GLY C 166 -24.10 -38.65 -39.06
N THR C 167 -22.92 -38.44 -39.67
CA THR C 167 -22.07 -39.53 -40.15
C THR C 167 -21.63 -40.20 -38.86
N GLN C 168 -21.89 -41.50 -38.76
CA GLN C 168 -21.49 -42.21 -37.54
C GLN C 168 -19.98 -42.31 -37.53
N ASP C 169 -19.42 -42.39 -36.28
CA ASP C 169 -18.05 -42.63 -36.06
C ASP C 169 -17.67 -43.99 -36.77
N ALA C 170 -16.49 -43.87 -37.48
CA ALA C 170 -15.94 -45.11 -38.07
C ALA C 170 -15.56 -46.10 -37.04
N SER C 171 -15.15 -45.63 -35.87
CA SER C 171 -14.79 -46.58 -34.74
C SER C 171 -13.77 -47.58 -35.15
N ILE C 172 -12.72 -47.11 -35.78
CA ILE C 172 -11.69 -48.01 -36.25
C ILE C 172 -10.84 -48.39 -35.03
N PRO C 173 -10.59 -49.69 -34.86
CA PRO C 173 -9.80 -50.11 -33.68
C PRO C 173 -8.39 -49.55 -33.88
N VAL C 174 -7.73 -49.29 -32.77
CA VAL C 174 -6.49 -48.58 -32.80
C VAL C 174 -5.43 -49.34 -33.64
N GLU C 175 -5.50 -50.67 -33.68
CA GLU C 175 -4.62 -51.47 -34.49
C GLU C 175 -4.72 -51.24 -35.98
N LYS C 176 -5.86 -50.67 -36.43
CA LYS C 176 -6.10 -50.40 -37.84
C LYS C 176 -5.99 -48.94 -38.23
N LEU C 177 -5.65 -48.13 -37.24
CA LEU C 177 -5.34 -46.70 -37.52
C LEU C 177 -3.97 -46.61 -38.11
N PRO C 178 -3.55 -45.38 -38.49
CA PRO C 178 -2.17 -45.24 -39.06
C PRO C 178 -1.16 -45.67 -37.97
N ARG C 179 -0.26 -46.57 -38.38
CA ARG C 179 0.75 -47.16 -37.48
CA ARG C 179 0.78 -47.07 -37.46
C ARG C 179 2.14 -46.98 -38.02
N CYS C 180 3.08 -46.87 -37.13
CA CYS C 180 4.45 -46.66 -37.47
C CYS C 180 4.96 -47.95 -38.24
N GLU C 181 5.64 -47.74 -39.31
CA GLU C 181 6.19 -48.79 -40.14
C GLU C 181 7.64 -49.10 -39.77
N GLU C 182 8.20 -48.43 -38.79
CA GLU C 182 9.53 -48.81 -38.37
C GLU C 182 9.55 -50.22 -37.76
N ALA C 183 10.60 -51.02 -38.07
CA ALA C 183 10.57 -52.43 -37.63
C ALA C 183 10.37 -52.53 -36.11
N GLY C 184 9.46 -53.39 -35.68
CA GLY C 184 9.30 -53.61 -34.21
C GLY C 184 8.70 -52.47 -33.42
N CYS C 185 8.22 -51.46 -34.08
CA CYS C 185 7.58 -50.34 -33.40
C CYS C 185 6.01 -50.50 -33.38
N GLY C 186 5.42 -50.31 -34.56
CA GLY C 186 3.98 -50.42 -34.70
C GLY C 186 3.15 -49.44 -33.81
N GLY C 187 3.80 -48.42 -33.28
CA GLY C 187 3.12 -47.40 -32.54
C GLY C 187 2.00 -46.69 -33.31
N LEU C 188 1.07 -46.12 -32.59
CA LEU C 188 0.03 -45.29 -33.17
C LEU C 188 0.63 -43.98 -33.65
N LEU C 189 0.37 -43.66 -34.91
CA LEU C 189 0.79 -42.36 -35.40
C LEU C 189 -0.22 -41.27 -35.07
N ARG C 190 0.27 -40.07 -34.90
CA ARG C 190 -0.54 -38.86 -34.93
C ARG C 190 -0.11 -37.94 -36.03
N PRO C 191 -0.99 -36.96 -36.38
CA PRO C 191 -0.47 -35.94 -37.25
C PRO C 191 0.62 -35.09 -36.50
N HIS C 192 1.58 -34.70 -37.29
CA HIS C 192 2.76 -33.95 -36.82
C HIS C 192 2.31 -32.44 -36.96
N VAL C 193 1.39 -32.09 -36.09
CA VAL C 193 0.87 -30.74 -36.01
C VAL C 193 0.90 -30.35 -34.55
N VAL C 194 0.85 -29.07 -34.23
CA VAL C 194 0.74 -28.59 -32.84
C VAL C 194 -0.75 -28.52 -32.56
N TRP C 195 -1.15 -29.27 -31.54
CA TRP C 195 -2.56 -29.22 -31.16
C TRP C 195 -2.80 -28.07 -30.13
N PHE C 196 -4.06 -27.62 -30.10
CA PHE C 196 -4.42 -26.73 -29.02
C PHE C 196 -4.10 -27.37 -27.66
N GLY C 197 -3.41 -26.58 -26.82
CA GLY C 197 -2.89 -27.03 -25.56
C GLY C 197 -1.52 -27.53 -25.56
N GLU C 198 -0.90 -27.55 -26.74
CA GLU C 198 0.44 -28.07 -26.86
C GLU C 198 1.37 -26.84 -27.15
N ASN C 199 2.57 -26.91 -26.69
CA ASN C 199 3.64 -26.03 -27.00
C ASN C 199 4.12 -26.16 -28.42
N LEU C 200 4.51 -25.04 -28.98
CA LEU C 200 5.35 -25.01 -30.10
C LEU C 200 6.72 -25.58 -29.86
N ASP C 201 7.42 -26.06 -30.86
CA ASP C 201 8.74 -26.63 -30.67
C ASP C 201 9.67 -25.51 -30.26
N PRO C 202 10.44 -25.68 -29.19
CA PRO C 202 11.34 -24.61 -28.75
C PRO C 202 12.31 -24.14 -29.80
N ALA C 203 12.80 -25.06 -30.60
CA ALA C 203 13.75 -24.68 -31.63
C ALA C 203 13.12 -23.79 -32.70
N ILE C 204 11.87 -24.11 -33.02
CA ILE C 204 11.12 -23.22 -33.90
C ILE C 204 10.89 -21.85 -33.28
N LEU C 205 10.51 -21.83 -32.01
CA LEU C 205 10.35 -20.48 -31.45
C LEU C 205 11.68 -19.74 -31.38
N GLU C 206 12.79 -20.35 -31.16
CA GLU C 206 14.06 -19.70 -31.17
C GLU C 206 14.30 -19.09 -32.59
N GLU C 207 14.02 -19.85 -33.60
CA GLU C 207 14.16 -19.31 -34.98
C GLU C 207 13.24 -18.14 -35.23
N VAL C 208 12.00 -18.25 -34.81
CA VAL C 208 11.03 -17.19 -35.00
C VAL C 208 11.55 -15.91 -34.25
N ASP C 209 11.99 -16.06 -33.01
CA ASP C 209 12.43 -14.93 -32.28
C ASP C 209 13.56 -14.21 -32.93
N ARG C 210 14.48 -14.93 -33.49
CA ARG C 210 15.59 -14.30 -34.21
C ARG C 210 15.13 -13.59 -35.39
N GLU C 211 14.22 -14.19 -36.16
CA GLU C 211 13.70 -13.44 -37.33
C GLU C 211 12.95 -12.20 -36.94
N LEU C 212 12.13 -12.24 -35.91
CA LEU C 212 11.42 -11.06 -35.56
C LEU C 212 12.39 -9.95 -35.11
N ALA C 213 13.47 -10.29 -34.41
CA ALA C 213 14.39 -9.36 -33.88
C ALA C 213 15.26 -8.75 -35.01
N HIS C 214 15.43 -9.43 -36.12
CA HIS C 214 16.34 -9.06 -37.21
C HIS C 214 15.67 -8.41 -38.41
N CYS C 215 14.40 -8.61 -38.54
CA CYS C 215 13.68 -8.09 -39.67
C CYS C 215 13.65 -6.61 -39.72
N ASP C 216 13.56 -6.04 -40.94
CA ASP C 216 13.34 -4.61 -41.11
C ASP C 216 12.01 -4.23 -41.78
N LEU C 217 11.20 -5.24 -42.08
CA LEU C 217 9.86 -5.06 -42.57
C LEU C 217 9.09 -6.37 -42.32
N CYS C 218 7.82 -6.25 -41.91
CA CYS C 218 7.00 -7.43 -41.63
C CYS C 218 5.67 -7.21 -42.31
N LEU C 219 5.16 -8.30 -42.87
CA LEU C 219 3.83 -8.45 -43.39
C LEU C 219 3.10 -9.47 -42.57
N VAL C 220 1.85 -9.21 -42.28
CA VAL C 220 0.97 -10.13 -41.54
C VAL C 220 -0.31 -10.36 -42.32
N VAL C 221 -0.36 -11.55 -42.92
CA VAL C 221 -1.27 -11.83 -44.04
CA VAL C 221 -1.30 -11.80 -44.03
C VAL C 221 -2.29 -12.89 -43.73
N GLY C 222 -3.53 -12.53 -43.84
CA GLY C 222 -4.61 -13.50 -43.74
C GLY C 222 -4.68 -14.25 -42.38
N THR C 223 -4.49 -13.49 -41.32
CA THR C 223 -4.59 -14.07 -40.00
C THR C 223 -5.52 -13.23 -39.11
N SER C 224 -6.33 -13.96 -38.29
CA SER C 224 -7.23 -13.33 -37.34
C SER C 224 -6.54 -12.74 -36.16
N SER C 225 -5.25 -13.07 -35.92
CA SER C 225 -4.44 -12.51 -34.87
C SER C 225 -5.15 -12.73 -33.53
N VAL C 226 -5.70 -13.92 -33.31
CA VAL C 226 -6.33 -14.41 -32.07
C VAL C 226 -5.44 -15.45 -31.34
N VAL C 227 -5.03 -16.50 -32.06
CA VAL C 227 -4.33 -17.59 -31.44
C VAL C 227 -3.02 -17.22 -30.96
N TYR C 228 -2.73 -17.67 -29.74
CA TYR C 228 -1.46 -17.46 -29.02
C TYR C 228 -0.58 -18.68 -29.24
N PRO C 229 0.75 -18.59 -29.39
CA PRO C 229 1.52 -17.32 -29.40
C PRO C 229 1.60 -16.56 -30.66
N ALA C 230 1.21 -17.17 -31.79
CA ALA C 230 1.49 -16.56 -33.16
C ALA C 230 0.87 -15.13 -33.21
N ALA C 231 -0.27 -14.89 -32.61
CA ALA C 231 -0.86 -13.54 -32.75
C ALA C 231 0.08 -12.44 -32.17
N MET C 232 1.02 -12.82 -31.29
CA MET C 232 1.94 -11.86 -30.66
C MET C 232 3.11 -11.47 -31.55
N PHE C 233 3.39 -12.23 -32.59
CA PHE C 233 4.64 -12.05 -33.29
C PHE C 233 4.71 -10.65 -34.05
N ALA C 234 3.71 -10.40 -34.87
CA ALA C 234 3.75 -9.11 -35.58
C ALA C 234 3.74 -7.87 -34.65
N PRO C 235 2.91 -7.95 -33.58
CA PRO C 235 2.97 -6.85 -32.62
C PRO C 235 4.34 -6.65 -32.01
N GLN C 236 5.03 -7.72 -31.73
CA GLN C 236 6.40 -7.56 -31.19
C GLN C 236 7.36 -6.83 -32.17
N VAL C 237 7.26 -7.10 -33.43
CA VAL C 237 8.04 -6.41 -34.39
C VAL C 237 7.63 -4.93 -34.46
N ALA C 238 6.33 -4.64 -34.45
CA ALA C 238 5.88 -3.22 -34.47
C ALA C 238 6.41 -2.45 -33.24
N ALA C 239 6.48 -3.21 -32.13
CA ALA C 239 6.93 -2.60 -30.93
C ALA C 239 8.45 -2.13 -30.87
N ARG C 240 9.18 -2.82 -31.75
CA ARG C 240 10.60 -2.48 -32.07
C ARG C 240 10.70 -1.20 -32.87
N GLY C 241 9.57 -0.70 -33.41
CA GLY C 241 9.62 0.45 -34.29
C GLY C 241 9.79 -0.01 -35.77
N VAL C 242 9.61 -1.25 -36.05
CA VAL C 242 9.75 -1.74 -37.44
C VAL C 242 8.34 -1.64 -38.15
N PRO C 243 8.30 -1.25 -39.42
CA PRO C 243 6.96 -1.16 -40.04
C PRO C 243 6.37 -2.57 -40.31
N VAL C 244 5.09 -2.70 -39.90
CA VAL C 244 4.28 -3.91 -40.09
C VAL C 244 3.08 -3.53 -40.94
N ALA C 245 2.86 -4.34 -41.97
CA ALA C 245 1.73 -4.14 -42.82
C ALA C 245 0.82 -5.40 -42.80
N GLU C 246 -0.41 -5.18 -42.36
CA GLU C 246 -1.43 -6.18 -42.31
C GLU C 246 -2.25 -6.23 -43.58
N PHE C 247 -2.32 -7.41 -44.18
CA PHE C 247 -3.12 -7.69 -45.38
C PHE C 247 -4.22 -8.64 -44.95
N ASN C 248 -5.47 -8.18 -44.96
CA ASN C 248 -6.58 -8.90 -44.46
C ASN C 248 -7.83 -8.35 -45.10
N THR C 249 -8.90 -9.16 -45.29
CA THR C 249 -10.20 -8.70 -45.69
C THR C 249 -10.93 -7.97 -44.61
N GLU C 250 -10.49 -8.08 -43.37
CA GLU C 250 -11.14 -7.50 -42.15
C GLU C 250 -10.02 -6.79 -41.30
N THR C 251 -10.50 -5.96 -40.37
CA THR C 251 -9.69 -5.60 -39.29
C THR C 251 -9.72 -6.68 -38.25
N THR C 252 -8.74 -6.67 -37.35
CA THR C 252 -8.52 -7.75 -36.37
C THR C 252 -8.11 -7.00 -35.03
N PRO C 253 -8.02 -7.79 -33.93
CA PRO C 253 -7.65 -7.18 -32.70
C PRO C 253 -6.26 -6.58 -32.67
N ALA C 254 -5.43 -7.01 -33.64
CA ALA C 254 -4.09 -6.43 -33.70
C ALA C 254 -3.92 -5.18 -34.63
N THR C 255 -4.91 -4.93 -35.50
CA THR C 255 -4.75 -3.96 -36.56
C THR C 255 -4.10 -2.64 -36.04
N ASN C 256 -4.61 -2.13 -34.93
CA ASN C 256 -4.18 -0.83 -34.46
C ASN C 256 -2.75 -0.75 -33.98
N ARG C 257 -2.09 -1.88 -33.84
CA ARG C 257 -0.66 -1.94 -33.51
C ARG C 257 0.26 -1.67 -34.71
N PHE C 258 -0.29 -1.73 -35.91
CA PHE C 258 0.56 -1.85 -37.12
C PHE C 258 0.64 -0.55 -37.89
N ARG C 259 1.71 -0.44 -38.67
CA ARG C 259 1.92 0.75 -39.45
C ARG C 259 0.96 0.89 -40.63
N PHE C 260 0.59 -0.26 -41.25
CA PHE C 260 -0.25 -0.25 -42.42
C PHE C 260 -1.35 -1.29 -42.27
N HIS C 261 -2.50 -1.06 -42.87
CA HIS C 261 -3.57 -2.03 -43.02
C HIS C 261 -4.07 -1.94 -44.49
N PHE C 262 -3.94 -3.03 -45.23
CA PHE C 262 -4.36 -3.06 -46.64
C PHE C 262 -5.49 -4.05 -46.77
N GLN C 263 -6.66 -3.50 -46.96
CA GLN C 263 -7.89 -4.26 -46.93
C GLN C 263 -8.10 -4.92 -48.25
N GLY C 264 -8.53 -6.15 -48.22
CA GLY C 264 -8.98 -6.80 -49.43
C GLY C 264 -8.40 -8.18 -49.51
N PRO C 265 -8.82 -8.99 -50.52
CA PRO C 265 -8.28 -10.32 -50.60
C PRO C 265 -6.81 -10.23 -50.89
N CYS C 266 -6.03 -11.07 -50.26
N CYS C 266 -6.11 -11.19 -50.25
CA CYS C 266 -4.61 -10.98 -50.48
CA CYS C 266 -4.64 -11.27 -50.37
C CYS C 266 -4.15 -11.54 -51.82
C CYS C 266 -4.18 -11.56 -51.80
N GLY C 267 -4.99 -12.35 -52.48
CA GLY C 267 -4.69 -12.77 -53.84
C GLY C 267 -4.67 -11.56 -54.84
N THR C 268 -5.32 -10.46 -54.45
CA THR C 268 -5.19 -9.27 -55.19
C THR C 268 -4.17 -8.27 -54.64
N THR C 269 -4.11 -8.12 -53.36
CA THR C 269 -3.22 -7.12 -52.81
C THR C 269 -1.76 -7.49 -52.73
N LEU C 270 -1.44 -8.75 -52.50
CA LEU C 270 -0.03 -9.21 -52.43
C LEU C 270 0.72 -9.07 -53.72
N PRO C 271 0.09 -9.47 -54.85
CA PRO C 271 0.83 -9.23 -56.10
C PRO C 271 1.13 -7.77 -56.37
N GLU C 272 0.23 -6.87 -56.01
CA GLU C 272 0.51 -5.45 -56.15
C GLU C 272 1.60 -4.97 -55.22
N ALA C 273 1.45 -5.30 -53.94
CA ALA C 273 2.44 -4.80 -52.93
C ALA C 273 3.84 -5.34 -53.16
N LEU C 274 3.95 -6.61 -53.62
CA LEU C 274 5.23 -7.31 -53.72
C LEU C 274 5.82 -7.33 -55.10
N ALA C 275 5.24 -6.47 -55.95
CA ALA C 275 5.67 -6.47 -57.35
C ALA C 275 7.13 -5.99 -57.50
N GLY D 1 -3.69 41.30 27.00
CA GLY D 1 -2.60 42.33 26.88
C GLY D 1 -2.23 42.66 25.44
N ILE D 2 -1.71 43.89 25.27
CA ILE D 2 -1.52 44.59 23.94
C ILE D 2 -0.08 45.20 23.95
N ASP D 3 0.68 45.00 22.84
CA ASP D 3 2.00 45.60 22.54
C ASP D 3 1.85 46.93 21.80
N PRO D 4 1.98 48.02 22.49
CA PRO D 4 1.87 49.36 21.85
C PRO D 4 3.24 49.87 21.17
N PHE D 5 4.34 49.08 21.18
CA PHE D 5 5.69 49.59 20.81
C PHE D 5 6.11 48.97 19.45
N THR D 6 5.67 47.72 19.26
CA THR D 6 6.27 46.87 18.26
C THR D 6 5.49 47.03 16.92
N ALA D 7 6.18 47.13 15.77
CA ALA D 7 5.51 47.37 14.51
C ALA D 7 4.90 46.04 14.07
N ARG D 8 3.85 46.07 13.26
CA ARG D 8 3.32 44.85 12.68
C ARG D 8 4.27 44.34 11.63
N PRO D 9 4.25 43.02 11.30
CA PRO D 9 5.12 42.49 10.19
C PRO D 9 4.83 43.24 8.87
N SER D 10 5.88 43.29 8.05
CA SER D 10 5.80 43.87 6.73
C SER D 10 5.31 42.89 5.71
N SER D 11 4.53 43.37 4.72
CA SER D 11 4.21 42.61 3.51
C SER D 11 4.95 43.02 2.26
N SER D 12 6.09 43.70 2.47
CA SER D 12 6.95 44.09 1.37
C SER D 12 7.90 43.06 0.80
N MET D 13 7.59 42.48 -0.35
CA MET D 13 8.52 41.55 -1.00
C MET D 13 9.76 42.27 -1.45
N ALA D 14 9.67 43.53 -1.85
CA ALA D 14 10.88 44.19 -2.31
C ALA D 14 11.89 44.26 -1.13
N ASP D 15 11.40 44.59 0.07
CA ASP D 15 12.26 44.65 1.19
C ASP D 15 12.83 43.22 1.57
N PHE D 16 11.97 42.20 1.50
CA PHE D 16 12.44 40.90 1.80
C PHE D 16 13.57 40.49 0.77
N ARG D 17 13.33 40.83 -0.47
CA ARG D 17 14.28 40.50 -1.57
C ARG D 17 15.68 41.16 -1.39
N LYS D 18 15.72 42.31 -0.77
CA LYS D 18 16.97 42.97 -0.44
C LYS D 18 17.80 42.12 0.57
N PHE D 19 17.12 41.57 1.57
CA PHE D 19 17.77 40.60 2.53
C PHE D 19 18.18 39.34 1.74
N PHE D 20 17.25 38.81 0.90
CA PHE D 20 17.52 37.56 0.24
C PHE D 20 18.75 37.66 -0.71
N ALA D 21 18.98 38.83 -1.30
CA ALA D 21 20.07 39.01 -2.20
C ALA D 21 21.41 38.93 -1.52
N LYS D 22 21.52 39.24 -0.23
CA LYS D 22 22.76 39.27 0.54
C LYS D 22 22.98 38.07 1.45
N ALA D 23 21.91 37.33 1.75
CA ALA D 23 21.95 36.31 2.77
C ALA D 23 22.88 35.15 2.42
N LYS D 24 23.72 34.82 3.39
CA LYS D 24 24.68 33.74 3.21
C LYS D 24 24.26 32.39 3.81
N HIS D 25 23.25 32.42 4.67
CA HIS D 25 22.85 31.26 5.39
C HIS D 25 21.37 31.35 5.72
N ILE D 26 20.59 30.74 4.84
CA ILE D 26 19.16 30.83 4.95
C ILE D 26 18.63 29.47 5.63
N VAL D 27 17.80 29.61 6.61
CA VAL D 27 17.11 28.51 7.18
C VAL D 27 15.63 28.56 6.82
N ILE D 28 15.09 27.50 6.23
CA ILE D 28 13.72 27.39 5.92
C ILE D 28 13.04 26.35 6.82
N ILE D 29 12.11 26.79 7.62
CA ILE D 29 11.33 25.89 8.48
C ILE D 29 10.02 25.61 7.82
N SER D 30 9.65 24.36 7.65
CA SER D 30 8.37 24.04 7.01
C SER D 30 7.47 23.15 7.78
N GLY D 31 6.17 23.26 7.57
CA GLY D 31 5.13 22.41 8.04
C GLY D 31 4.21 21.97 6.92
N ALA D 32 3.10 21.35 7.39
CA ALA D 32 2.27 20.61 6.49
C ALA D 32 1.68 21.53 5.44
N GLY D 33 1.58 22.79 5.61
CA GLY D 33 1.07 23.68 4.58
C GLY D 33 1.94 23.66 3.29
N VAL D 34 3.26 23.40 3.41
CA VAL D 34 4.04 23.31 2.18
C VAL D 34 3.70 22.22 1.25
N SER D 35 2.99 21.16 1.84
CA SER D 35 2.56 20.06 1.03
C SER D 35 1.06 19.96 0.70
N ALA D 36 0.34 20.96 1.16
CA ALA D 36 -1.07 20.96 0.93
C ALA D 36 -1.38 21.03 -0.59
N GLU D 37 -0.64 21.82 -1.33
CA GLU D 37 -0.86 21.92 -2.81
C GLU D 37 -0.43 20.74 -3.58
N SER D 38 0.22 19.75 -2.86
CA SER D 38 0.43 18.47 -3.50
C SER D 38 -0.71 17.50 -3.24
N GLY D 39 -1.75 17.92 -2.48
CA GLY D 39 -2.83 17.03 -2.10
C GLY D 39 -2.59 16.23 -0.82
N VAL D 40 -1.58 16.63 -0.07
CA VAL D 40 -1.30 15.94 1.20
C VAL D 40 -2.08 16.57 2.33
N PRO D 41 -2.90 15.84 3.04
CA PRO D 41 -3.73 16.43 4.11
C PRO D 41 -2.86 17.02 5.14
N THR D 42 -3.34 18.12 5.76
CA THR D 42 -2.71 18.75 6.90
C THR D 42 -3.20 18.16 8.21
N PHE D 43 -2.73 18.59 9.37
CA PHE D 43 -3.31 18.15 10.62
C PHE D 43 -4.55 19.01 10.99
N ARG D 44 -4.71 20.17 10.40
CA ARG D 44 -5.90 21.00 10.68
C ARG D 44 -7.02 20.56 9.75
N GLY D 45 -8.21 20.73 10.27
CA GLY D 45 -9.40 20.32 9.50
C GLY D 45 -9.62 18.85 9.22
N ALA D 46 -10.11 18.52 8.03
CA ALA D 46 -10.52 17.22 7.76
C ALA D 46 -9.47 16.17 7.76
N GLY D 47 -8.27 16.60 7.33
CA GLY D 47 -7.23 15.66 7.10
C GLY D 47 -6.63 15.17 8.41
N GLY D 48 -6.85 15.89 9.50
CA GLY D 48 -6.41 15.48 10.85
C GLY D 48 -7.22 14.42 11.65
N TYR D 49 -8.33 13.97 10.97
CA TYR D 49 -9.08 12.82 11.50
C TYR D 49 -8.87 11.59 10.69
N TRP D 50 -8.87 10.40 11.36
CA TRP D 50 -8.78 9.14 10.68
C TRP D 50 -9.69 8.24 11.53
N ARG D 51 -10.70 7.65 10.85
CA ARG D 51 -11.77 6.90 11.44
C ARG D 51 -12.27 7.85 12.48
N LYS D 52 -12.44 7.49 13.71
CA LYS D 52 -12.99 8.47 14.62
C LYS D 52 -12.04 9.08 15.53
N TRP D 53 -10.78 9.02 15.19
CA TRP D 53 -9.74 9.56 16.01
C TRP D 53 -9.21 10.85 15.36
N GLN D 54 -8.49 11.57 16.22
CA GLN D 54 -7.58 12.55 15.80
C GLN D 54 -6.20 11.99 15.63
N ALA D 55 -5.57 12.48 14.62
CA ALA D 55 -4.26 12.08 14.27
C ALA D 55 -3.27 12.19 15.48
N GLN D 56 -3.44 13.26 16.33
CA GLN D 56 -2.58 13.40 17.43
C GLN D 56 -2.79 12.34 18.56
N ASP D 57 -3.96 11.74 18.60
CA ASP D 57 -4.32 10.67 19.45
C ASP D 57 -3.66 9.35 19.11
N LEU D 58 -3.50 9.10 17.82
CA LEU D 58 -3.00 7.81 17.36
C LEU D 58 -1.42 7.81 17.32
N ALA D 59 -0.83 8.99 17.13
CA ALA D 59 0.56 9.16 17.02
C ALA D 59 1.16 9.42 18.43
N THR D 60 0.97 8.40 19.28
CA THR D 60 1.46 8.46 20.62
C THR D 60 1.96 7.09 21.11
N PRO D 61 2.93 7.07 22.02
CA PRO D 61 3.36 5.79 22.60
C PRO D 61 2.28 5.00 23.25
N LEU D 62 1.39 5.68 23.96
CA LEU D 62 0.31 4.97 24.61
C LEU D 62 -0.65 4.30 23.62
N ALA D 63 -0.95 4.97 22.52
CA ALA D 63 -1.79 4.39 21.54
C ALA D 63 -1.16 3.12 20.97
N PHE D 64 0.10 3.24 20.65
CA PHE D 64 0.84 2.11 20.11
C PHE D 64 0.92 0.93 21.03
N ALA D 65 1.18 1.23 22.32
CA ALA D 65 1.27 0.12 23.30
C ALA D 65 -0.05 -0.56 23.44
N HIS D 66 -1.17 0.21 23.41
CA HIS D 66 -2.50 -0.33 23.62
C HIS D 66 -3.04 -1.08 22.41
N ASN D 67 -2.73 -0.62 21.24
CA ASN D 67 -3.32 -1.13 20.02
C ASN D 67 -2.39 -0.94 18.86
N PRO D 68 -1.33 -1.67 18.79
CA PRO D 68 -0.39 -1.43 17.75
C PRO D 68 -0.92 -1.68 16.33
N SER D 69 -1.90 -2.58 16.25
CA SER D 69 -2.52 -2.86 14.94
C SER D 69 -3.24 -1.62 14.43
N ARG D 70 -4.03 -0.96 15.33
CA ARG D 70 -4.70 0.25 14.88
C ARG D 70 -3.73 1.32 14.47
N VAL D 71 -2.68 1.52 15.28
CA VAL D 71 -1.70 2.53 14.88
C VAL D 71 -1.06 2.18 13.53
N TRP D 72 -0.66 0.96 13.34
CA TRP D 72 -0.13 0.55 12.05
C TRP D 72 -1.12 0.71 10.92
N GLU D 73 -2.38 0.44 11.14
CA GLU D 73 -3.38 0.73 10.09
C GLU D 73 -3.38 2.19 9.68
N PHE D 74 -3.23 3.07 10.66
CA PHE D 74 -3.19 4.51 10.34
C PHE D 74 -1.96 4.87 9.60
N TYR D 75 -0.78 4.39 10.03
CA TYR D 75 0.43 4.70 9.28
C TYR D 75 0.45 4.06 7.89
N HIS D 76 -0.11 2.86 7.78
CA HIS D 76 -0.25 2.22 6.45
C HIS D 76 -1.06 3.12 5.53
N TYR D 77 -2.21 3.57 6.04
CA TYR D 77 -3.05 4.52 5.18
C TYR D 77 -2.26 5.67 4.71
N ARG D 78 -1.48 6.29 5.65
CA ARG D 78 -0.78 7.52 5.25
C ARG D 78 0.34 7.17 4.23
N ARG D 79 0.99 6.02 4.37
CA ARG D 79 1.95 5.62 3.38
C ARG D 79 1.30 5.45 2.00
N GLU D 80 0.14 4.85 2.05
CA GLU D 80 -0.53 4.66 0.76
C GLU D 80 -1.00 5.97 0.12
N VAL D 81 -1.51 6.92 0.92
CA VAL D 81 -1.83 8.26 0.44
C VAL D 81 -0.65 8.86 -0.27
N MET D 82 0.53 8.72 0.32
CA MET D 82 1.71 9.27 -0.27
C MET D 82 2.15 8.72 -1.55
N GLY D 83 1.73 7.51 -1.85
CA GLY D 83 2.23 6.84 -3.09
C GLY D 83 1.92 7.57 -4.35
N SER D 84 0.85 8.43 -4.37
CA SER D 84 0.62 9.12 -5.55
C SER D 84 1.07 10.56 -5.63
N LYS D 85 1.65 11.08 -4.53
CA LYS D 85 1.79 12.50 -4.39
C LYS D 85 3.17 12.88 -4.88
N GLU D 86 3.24 14.11 -5.40
CA GLU D 86 4.45 14.67 -5.98
C GLU D 86 4.71 16.03 -5.35
N PRO D 87 5.98 16.47 -5.44
CA PRO D 87 6.30 17.82 -4.98
C PRO D 87 5.55 18.92 -5.74
N ASN D 88 5.24 20.01 -5.07
CA ASN D 88 4.62 21.14 -5.72
C ASN D 88 5.67 22.21 -5.96
N ALA D 89 5.18 23.31 -6.61
CA ALA D 89 5.98 24.44 -7.00
C ALA D 89 6.69 25.04 -5.75
N GLY D 90 6.09 24.98 -4.59
CA GLY D 90 6.77 25.46 -3.41
C GLY D 90 7.96 24.59 -3.02
N HIS D 91 7.78 23.26 -2.99
CA HIS D 91 8.89 22.40 -2.75
C HIS D 91 10.00 22.62 -3.78
N ARG D 92 9.57 22.75 -5.03
CA ARG D 92 10.57 22.92 -6.10
C ARG D 92 11.35 24.19 -5.93
N ALA D 93 10.68 25.30 -5.63
CA ALA D 93 11.36 26.56 -5.45
C ALA D 93 12.40 26.52 -4.34
N ILE D 94 12.04 25.78 -3.27
CA ILE D 94 12.98 25.66 -2.15
C ILE D 94 14.19 24.85 -2.58
N ALA D 95 13.97 23.75 -3.33
CA ALA D 95 15.08 22.91 -3.75
C ALA D 95 15.98 23.67 -4.75
N GLU D 96 15.34 24.34 -5.74
CA GLU D 96 16.12 25.10 -6.71
C GLU D 96 16.92 26.23 -6.07
N CYS D 97 16.34 26.84 -5.02
CA CYS D 97 17.06 27.91 -4.35
C CYS D 97 18.30 27.37 -3.71
N GLU D 98 18.17 26.25 -3.03
CA GLU D 98 19.37 25.68 -2.41
C GLU D 98 20.47 25.39 -3.49
N THR D 99 20.09 24.83 -4.59
CA THR D 99 21.06 24.47 -5.65
C THR D 99 21.76 25.69 -6.18
N ARG D 100 20.93 26.71 -6.49
CA ARG D 100 21.49 27.91 -7.09
C ARG D 100 22.41 28.62 -6.10
N LEU D 101 21.97 28.82 -4.87
CA LEU D 101 22.77 29.47 -3.91
C LEU D 101 24.05 28.72 -3.56
N GLY D 102 23.95 27.39 -3.53
CA GLY D 102 25.08 26.55 -3.21
C GLY D 102 26.20 26.78 -4.25
N LYS D 103 25.85 26.98 -5.54
CA LYS D 103 26.88 27.25 -6.53
C LYS D 103 27.60 28.59 -6.29
N GLN D 104 26.96 29.50 -5.54
CA GLN D 104 27.54 30.82 -5.16
C GLN D 104 28.23 30.77 -3.76
N GLY D 105 28.30 29.59 -3.12
CA GLY D 105 28.86 29.46 -1.79
C GLY D 105 27.94 29.85 -0.64
N ARG D 106 26.66 29.93 -0.92
CA ARG D 106 25.62 30.35 0.05
C ARG D 106 24.78 29.18 0.47
N ARG D 107 24.55 29.11 1.80
CA ARG D 107 23.93 27.90 2.36
C ARG D 107 22.43 28.11 2.53
N VAL D 108 21.68 27.07 2.12
CA VAL D 108 20.23 26.97 2.38
C VAL D 108 20.00 25.62 3.07
N VAL D 109 19.28 25.65 4.18
CA VAL D 109 18.96 24.43 4.93
CA VAL D 109 18.98 24.44 4.97
C VAL D 109 17.46 24.43 5.20
N VAL D 110 16.84 23.24 5.08
CA VAL D 110 15.41 23.05 5.32
C VAL D 110 15.22 22.21 6.57
N ILE D 111 14.55 22.76 7.55
CA ILE D 111 14.14 22.15 8.79
C ILE D 111 12.69 21.81 8.68
N THR D 112 12.31 20.59 8.39
CA THR D 112 10.94 20.26 8.24
C THR D 112 10.37 19.40 9.35
N GLN D 113 9.18 19.78 9.72
CA GLN D 113 8.30 19.00 10.57
C GLN D 113 7.57 17.91 9.86
N ASN D 114 7.65 17.91 8.51
CA ASN D 114 6.91 16.99 7.75
C ASN D 114 7.63 15.63 7.72
N ILE D 115 6.85 14.56 7.64
CA ILE D 115 7.31 13.20 7.53
C ILE D 115 7.11 12.55 6.13
N ASP D 116 6.67 13.45 5.18
CA ASP D 116 6.19 13.04 3.83
C ASP D 116 7.25 12.82 2.78
N GLU D 117 8.47 13.24 3.09
CA GLU D 117 9.59 13.12 2.16
C GLU D 117 9.52 13.91 0.88
N LEU D 118 8.48 14.76 0.78
CA LEU D 118 8.40 15.59 -0.48
C LEU D 118 9.54 16.50 -0.72
N HIS D 119 10.13 17.06 0.36
CA HIS D 119 11.31 17.85 0.11
C HIS D 119 12.47 17.05 -0.48
N ARG D 120 12.56 15.79 -0.04
N ARG D 120 12.60 15.76 -0.06
CA ARG D 120 13.54 14.90 -0.61
CA ARG D 120 13.64 14.96 -0.75
C ARG D 120 13.26 14.67 -2.12
C ARG D 120 13.29 14.65 -2.19
N LYS D 121 11.98 14.41 -2.44
CA LYS D 121 11.67 14.13 -3.78
C LYS D 121 11.86 15.38 -4.71
N ALA D 122 11.76 16.52 -4.14
CA ALA D 122 11.99 17.77 -4.88
C ALA D 122 13.42 18.05 -5.20
N GLY D 123 14.36 17.40 -4.42
CA GLY D 123 15.73 17.64 -4.59
C GLY D 123 16.43 18.54 -3.55
N THR D 124 15.81 18.80 -2.44
CA THR D 124 16.46 19.39 -1.28
C THR D 124 17.54 18.43 -0.77
N LYS D 125 18.73 18.90 -0.53
CA LYS D 125 19.84 18.14 -0.02
C LYS D 125 20.05 18.37 1.47
N ASN D 126 20.09 19.61 1.88
CA ASN D 126 20.31 19.96 3.26
C ASN D 126 18.95 19.92 4.00
N LEU D 127 18.52 18.71 4.31
CA LEU D 127 17.20 18.44 4.87
C LEU D 127 17.31 17.88 6.26
N LEU D 128 16.68 18.50 7.23
CA LEU D 128 16.60 18.02 8.56
C LEU D 128 15.11 17.62 8.84
N GLU D 129 14.83 16.31 8.94
CA GLU D 129 13.56 15.78 9.20
C GLU D 129 13.37 15.65 10.70
N ILE D 130 12.98 16.67 11.35
CA ILE D 130 13.07 16.75 12.79
C ILE D 130 12.10 15.78 13.50
N HIS D 131 11.04 15.36 12.81
CA HIS D 131 10.01 14.50 13.32
C HIS D 131 10.11 13.11 12.70
N GLY D 132 11.14 12.84 11.94
CA GLY D 132 11.28 11.52 11.33
C GLY D 132 10.61 11.37 9.94
N SER D 133 10.34 10.20 9.50
CA SER D 133 9.93 9.88 8.19
C SER D 133 8.88 8.78 8.25
N LEU D 134 7.83 8.88 7.44
CA LEU D 134 6.82 7.88 7.22
C LEU D 134 7.46 6.59 6.61
N PHE D 135 8.58 6.79 5.94
CA PHE D 135 9.20 5.74 5.12
C PHE D 135 10.51 5.20 5.77
N LYS D 136 10.50 5.35 7.11
CA LYS D 136 11.48 4.62 7.88
C LYS D 136 10.76 3.90 9.03
N THR D 137 11.37 2.76 9.42
CA THR D 137 10.96 1.95 10.57
C THR D 137 12.12 1.98 11.63
N ARG D 138 11.65 1.73 12.86
CA ARG D 138 12.60 1.44 13.95
C ARG D 138 12.11 0.25 14.72
N CYS D 139 13.06 -0.66 14.97
CA CYS D 139 12.75 -1.91 15.72
C CYS D 139 12.66 -1.60 17.24
N THR D 140 11.53 -1.96 17.80
CA THR D 140 11.37 -1.70 19.24
C THR D 140 12.18 -2.72 20.08
N SER D 141 12.82 -3.75 19.54
CA SER D 141 13.63 -4.62 20.29
C SER D 141 15.10 -4.29 20.08
N CYS D 142 15.63 -4.20 18.84
CA CYS D 142 17.04 -3.91 18.64
C CYS D 142 17.43 -2.48 18.30
N GLY D 143 16.46 -1.60 18.02
CA GLY D 143 16.69 -0.20 17.70
C GLY D 143 17.10 0.09 16.32
N VAL D 144 17.24 -0.88 15.45
CA VAL D 144 17.72 -0.57 14.13
C VAL D 144 16.65 0.32 13.36
N VAL D 145 17.20 1.26 12.64
CA VAL D 145 16.43 2.10 11.75
C VAL D 145 16.64 1.67 10.33
N ALA D 146 15.60 1.54 9.57
CA ALA D 146 15.67 1.06 8.16
C ALA D 146 14.68 1.95 7.32
N GLU D 147 15.13 2.17 6.10
CA GLU D 147 14.25 2.63 5.08
C GLU D 147 13.24 1.60 4.69
N ASN D 148 11.99 1.98 4.49
CA ASN D 148 10.95 1.09 4.12
C ASN D 148 9.92 1.81 3.28
N TYR D 149 9.92 1.53 2.00
CA TYR D 149 8.93 2.03 1.10
C TYR D 149 7.91 1.02 0.55
N LYS D 150 7.95 -0.18 1.15
CA LYS D 150 7.21 -1.27 0.56
C LYS D 150 5.69 -1.08 0.68
N SER D 151 4.94 -1.31 -0.36
CA SER D 151 3.50 -1.24 -0.35
C SER D 151 2.97 -2.64 -0.61
N PRO D 152 2.29 -3.25 0.34
CA PRO D 152 2.14 -2.85 1.76
C PRO D 152 3.36 -3.19 2.56
N ILE D 153 3.50 -2.52 3.76
CA ILE D 153 4.65 -2.74 4.55
C ILE D 153 4.67 -4.19 4.99
N CYS D 154 3.56 -4.84 5.24
CA CYS D 154 3.53 -6.29 5.53
C CYS D 154 2.28 -6.85 4.98
N PRO D 155 2.28 -8.14 4.60
CA PRO D 155 1.09 -8.73 3.87
C PRO D 155 -0.21 -8.58 4.64
N ALA D 156 -0.15 -8.60 6.01
CA ALA D 156 -1.39 -8.54 6.75
C ALA D 156 -2.11 -7.21 6.63
N LEU D 157 -1.34 -6.15 6.31
CA LEU D 157 -1.86 -4.81 6.11
C LEU D 157 -2.41 -4.63 4.72
N SER D 158 -2.23 -5.57 3.79
CA SER D 158 -2.75 -5.48 2.48
C SER D 158 -4.25 -5.21 2.56
N GLY D 159 -4.67 -4.12 1.92
CA GLY D 159 -6.06 -3.66 1.97
C GLY D 159 -6.64 -3.12 3.15
N LYS D 160 -5.80 -2.83 4.18
CA LYS D 160 -6.29 -2.28 5.38
C LYS D 160 -6.05 -0.78 5.45
N GLY D 161 -6.36 -0.16 6.61
CA GLY D 161 -6.14 1.27 6.75
C GLY D 161 -7.16 2.19 6.20
N ALA D 162 -8.28 1.66 5.64
CA ALA D 162 -9.37 2.51 5.10
C ALA D 162 -9.80 3.49 6.19
N PRO D 163 -9.93 4.84 5.76
CA PRO D 163 -10.11 5.87 6.69
C PRO D 163 -11.46 6.13 7.28
N GLU D 164 -12.49 5.54 6.66
CA GLU D 164 -13.84 5.96 6.92
C GLU D 164 -14.14 5.52 8.32
N PRO D 165 -14.86 6.29 9.04
CA PRO D 165 -15.04 5.66 10.38
C PRO D 165 -16.15 4.58 10.27
N GLY D 166 -16.22 3.82 11.33
CA GLY D 166 -17.01 2.60 11.32
C GLY D 166 -16.29 1.45 10.60
N THR D 167 -15.11 1.66 9.99
CA THR D 167 -14.31 0.56 9.49
C THR D 167 -13.82 -0.14 10.77
N GLN D 168 -14.11 -1.43 10.84
CA GLN D 168 -13.70 -2.21 12.00
C GLN D 168 -12.20 -2.30 12.07
N ASP D 169 -11.69 -2.42 13.35
CA ASP D 169 -10.26 -2.65 13.58
C ASP D 169 -9.83 -3.92 12.88
N ALA D 170 -8.71 -3.88 12.15
CA ALA D 170 -8.15 -5.11 11.53
C ALA D 170 -7.77 -6.11 12.59
N SER D 171 -7.33 -5.63 13.75
CA SER D 171 -6.96 -6.52 14.88
C SER D 171 -5.97 -7.55 14.50
N ILE D 172 -4.93 -7.12 13.86
CA ILE D 172 -3.89 -7.96 13.36
C ILE D 172 -3.02 -8.35 14.61
N PRO D 173 -2.79 -9.66 14.85
CA PRO D 173 -1.90 -10.04 15.89
C PRO D 173 -0.54 -9.48 15.74
N VAL D 174 0.12 -9.19 16.81
CA VAL D 174 1.38 -8.52 16.82
CA VAL D 174 1.45 -8.55 16.76
C VAL D 174 2.43 -9.28 15.95
N GLU D 175 2.35 -10.63 15.94
CA GLU D 175 3.24 -11.43 15.16
CA GLU D 175 3.32 -11.38 15.20
C GLU D 175 3.17 -11.22 13.69
N LYS D 176 2.00 -10.64 13.23
CA LYS D 176 1.77 -10.42 11.84
C LYS D 176 1.90 -8.93 11.45
N LEU D 177 2.17 -8.07 12.40
CA LEU D 177 2.47 -6.67 12.12
C LEU D 177 3.85 -6.56 11.60
N PRO D 178 4.28 -5.37 11.13
CA PRO D 178 5.65 -5.21 10.62
C PRO D 178 6.67 -5.68 11.66
N ARG D 179 7.57 -6.60 11.26
CA ARG D 179 8.58 -7.13 12.17
CA ARG D 179 8.58 -7.12 12.20
C ARG D 179 9.98 -6.96 11.62
N CYS D 180 10.92 -6.82 12.53
CA CYS D 180 12.27 -6.69 12.17
C CYS D 180 12.83 -7.89 11.39
N GLU D 181 13.52 -7.67 10.29
CA GLU D 181 14.03 -8.79 9.50
C GLU D 181 15.47 -9.12 9.90
N GLU D 182 16.07 -8.42 10.88
CA GLU D 182 17.37 -8.80 11.29
C GLU D 182 17.41 -10.19 11.89
N ALA D 183 18.48 -10.94 11.64
CA ALA D 183 18.46 -12.33 12.07
C ALA D 183 18.28 -12.44 13.60
N GLY D 184 17.39 -13.37 14.01
CA GLY D 184 17.08 -13.61 15.42
C GLY D 184 16.49 -12.52 16.22
N CYS D 185 16.11 -11.39 15.59
CA CYS D 185 15.45 -10.31 16.29
C CYS D 185 13.90 -10.53 16.29
N GLY D 186 13.32 -10.18 15.14
CA GLY D 186 11.89 -10.35 14.95
C GLY D 186 11.02 -9.41 15.88
N GLY D 187 11.66 -8.35 16.36
CA GLY D 187 10.95 -7.34 17.10
C GLY D 187 9.84 -6.63 16.33
N LEU D 188 8.90 -6.13 17.09
CA LEU D 188 7.84 -5.27 16.47
C LEU D 188 8.42 -3.94 15.97
N LEU D 189 8.19 -3.66 14.68
CA LEU D 189 8.58 -2.34 14.18
C LEU D 189 7.60 -1.29 14.62
N ARG D 190 8.04 -0.03 14.72
CA ARG D 190 7.24 1.16 14.79
C ARG D 190 7.71 2.06 13.63
N PRO D 191 6.83 3.02 13.27
CA PRO D 191 7.30 4.12 12.37
C PRO D 191 8.44 4.88 13.11
N HIS D 192 9.47 5.25 12.31
CA HIS D 192 10.55 6.08 12.84
C HIS D 192 10.14 7.56 12.69
N VAL D 193 9.19 7.91 13.53
CA VAL D 193 8.64 9.26 13.65
C VAL D 193 8.71 9.62 15.13
N VAL D 194 8.71 10.93 15.41
CA VAL D 194 8.53 11.45 16.77
C VAL D 194 7.10 11.47 17.11
N TRP D 195 6.66 10.70 18.08
CA TRP D 195 5.23 10.77 18.47
C TRP D 195 5.02 11.92 19.48
N PHE D 196 3.77 12.32 19.56
CA PHE D 196 3.40 13.25 20.61
C PHE D 196 3.78 12.67 21.94
N GLY D 197 4.34 13.41 22.89
CA GLY D 197 4.94 12.90 24.11
C GLY D 197 6.32 12.46 24.12
N GLU D 198 6.93 12.31 22.95
CA GLU D 198 8.29 11.93 22.80
C GLU D 198 9.22 13.10 22.51
N ASN D 199 10.41 13.00 23.01
CA ASN D 199 11.44 14.00 22.67
C ASN D 199 11.94 13.87 21.28
N LEU D 200 12.32 15.03 20.71
CA LEU D 200 13.08 14.96 19.49
C LEU D 200 14.51 14.39 19.78
N ASP D 201 15.17 13.90 18.75
CA ASP D 201 16.54 13.45 18.93
C ASP D 201 17.49 14.52 19.37
N PRO D 202 18.26 14.36 20.48
CA PRO D 202 19.17 15.38 20.93
C PRO D 202 20.15 15.80 19.88
N ALA D 203 20.62 14.90 19.05
CA ALA D 203 21.57 15.29 18.03
C ALA D 203 20.95 16.18 16.97
N ILE D 204 19.70 15.88 16.65
CA ILE D 204 18.97 16.75 15.74
C ILE D 204 18.72 18.12 16.36
N LEU D 205 18.31 18.13 17.62
CA LEU D 205 18.14 19.43 18.25
C LEU D 205 19.46 20.22 18.27
N GLU D 206 20.58 19.61 18.52
CA GLU D 206 21.85 20.32 18.50
C GLU D 206 22.11 20.93 17.10
N GLU D 207 21.80 20.17 16.06
CA GLU D 207 21.94 20.69 14.71
C GLU D 207 21.05 21.86 14.47
N VAL D 208 19.76 21.74 14.84
CA VAL D 208 18.82 22.83 14.71
C VAL D 208 19.40 24.06 15.41
N ASP D 209 19.79 23.94 16.67
CA ASP D 209 20.27 25.05 17.42
C ASP D 209 21.39 25.76 16.74
N ARG D 210 22.31 25.02 16.17
CA ARG D 210 23.41 25.66 15.42
C ARG D 210 22.92 26.38 14.26
N GLU D 211 22.03 25.78 13.47
CA GLU D 211 21.51 26.54 12.31
C GLU D 211 20.76 27.75 12.68
N LEU D 212 19.94 27.70 13.72
CA LEU D 212 19.25 28.91 14.10
C LEU D 212 20.15 29.99 14.57
N ALA D 213 21.19 29.64 15.23
CA ALA D 213 22.21 30.60 15.78
C ALA D 213 23.08 31.23 14.70
N HIS D 214 23.23 30.54 13.55
CA HIS D 214 24.18 30.97 12.49
C HIS D 214 23.46 31.60 11.28
N CYS D 215 22.17 31.34 11.14
CA CYS D 215 21.47 31.91 9.99
C CYS D 215 21.48 33.42 9.93
N ASP D 216 21.35 33.94 8.71
CA ASP D 216 21.17 35.43 8.54
C ASP D 216 19.82 35.77 7.87
N LEU D 217 19.03 34.78 7.57
CA LEU D 217 17.66 34.95 7.10
C LEU D 217 16.89 33.66 7.32
N CYS D 218 15.61 33.78 7.69
CA CYS D 218 14.84 32.58 8.03
C CYS D 218 13.50 32.72 7.38
N LEU D 219 12.95 31.66 6.76
CA LEU D 219 11.63 31.57 6.29
C LEU D 219 10.87 30.58 7.06
N VAL D 220 9.61 30.78 7.41
CA VAL D 220 8.81 29.83 8.12
C VAL D 220 7.55 29.59 7.34
N VAL D 221 7.41 28.40 6.74
CA VAL D 221 6.54 28.18 5.60
C VAL D 221 5.51 27.16 5.93
N GLY D 222 4.20 27.40 5.82
CA GLY D 222 3.14 26.44 5.92
C GLY D 222 3.11 25.75 7.31
N THR D 223 3.33 26.49 8.37
CA THR D 223 3.17 25.86 9.65
C THR D 223 2.29 26.72 10.53
N SER D 224 1.60 26.03 11.37
CA SER D 224 0.64 26.62 12.22
C SER D 224 1.30 27.19 13.49
N SER D 225 2.58 26.91 13.72
CA SER D 225 3.30 27.51 14.84
C SER D 225 2.59 27.34 16.14
N VAL D 226 2.10 26.08 16.33
CA VAL D 226 1.50 25.60 17.61
C VAL D 226 2.34 24.53 18.29
N VAL D 227 2.79 23.52 17.60
CA VAL D 227 3.38 22.30 18.20
C VAL D 227 4.82 22.63 18.60
N TYR D 228 5.05 22.35 19.90
CA TYR D 228 6.32 22.49 20.50
C TYR D 228 7.20 21.27 20.45
N PRO D 229 8.52 21.41 20.20
CA PRO D 229 9.28 22.71 20.25
C PRO D 229 9.41 23.39 18.90
N ALA D 230 9.01 22.85 17.77
CA ALA D 230 9.35 23.44 16.56
C ALA D 230 8.72 24.84 16.40
N ALA D 231 7.61 25.10 17.00
CA ALA D 231 6.99 26.43 16.89
C ALA D 231 7.85 27.49 17.51
N MET D 232 8.79 27.16 18.35
CA MET D 232 9.71 28.12 19.02
C MET D 232 10.90 28.49 18.14
N PHE D 233 11.18 27.75 17.06
CA PHE D 233 12.41 27.96 16.37
C PHE D 233 12.50 29.29 15.64
N ALA D 234 11.49 29.61 14.82
CA ALA D 234 11.55 30.89 14.10
C ALA D 234 11.50 32.07 15.02
N PRO D 235 10.67 31.98 16.12
CA PRO D 235 10.75 33.07 17.07
C PRO D 235 12.13 33.31 17.64
N GLN D 236 12.85 32.23 17.91
CA GLN D 236 14.22 32.41 18.46
CA GLN D 236 14.25 32.31 18.45
C GLN D 236 15.14 33.15 17.50
N VAL D 237 15.00 32.86 16.18
CA VAL D 237 15.80 33.54 15.22
C VAL D 237 15.42 35.03 15.22
N ALA D 238 14.09 35.32 15.22
CA ALA D 238 13.68 36.74 15.22
C ALA D 238 14.22 37.50 16.47
N ALA D 239 14.31 36.80 17.57
CA ALA D 239 14.73 37.41 18.77
C ALA D 239 16.24 37.84 18.80
N ARG D 240 16.99 37.17 17.91
CA ARG D 240 18.40 37.54 17.60
C ARG D 240 18.51 38.79 16.76
N GLY D 241 17.37 39.29 16.25
CA GLY D 241 17.36 40.41 15.34
C GLY D 241 17.54 40.03 13.86
N VAL D 242 17.44 38.77 13.57
CA VAL D 242 17.55 38.28 12.20
C VAL D 242 16.15 38.32 11.51
N PRO D 243 16.13 38.73 10.23
CA PRO D 243 14.77 38.79 9.60
C PRO D 243 14.18 37.41 9.36
N VAL D 244 12.91 37.25 9.76
CA VAL D 244 12.06 36.03 9.56
C VAL D 244 10.89 36.44 8.72
N ALA D 245 10.70 35.64 7.67
CA ALA D 245 9.53 35.81 6.80
C ALA D 245 8.59 34.60 6.83
N GLU D 246 7.37 34.83 7.30
CA GLU D 246 6.40 33.76 7.39
C GLU D 246 5.57 33.69 6.08
N PHE D 247 5.49 32.54 5.46
CA PHE D 247 4.70 32.29 4.27
C PHE D 247 3.56 31.37 4.66
N ASN D 248 2.35 31.84 4.73
CA ASN D 248 1.19 31.09 5.18
C ASN D 248 -0.05 31.68 4.53
N THR D 249 -1.08 30.85 4.35
CA THR D 249 -2.41 31.35 3.91
C THR D 249 -3.14 32.07 5.02
N GLU D 250 -2.65 32.03 6.21
CA GLU D 250 -3.22 32.69 7.40
C GLU D 250 -2.24 33.24 8.33
N THR D 251 -2.73 34.05 9.29
CA THR D 251 -1.93 34.44 10.38
C THR D 251 -1.92 33.26 11.39
N THR D 252 -0.95 33.30 12.28
CA THR D 252 -0.72 32.26 13.28
C THR D 252 -0.35 32.98 14.63
N PRO D 253 -0.20 32.17 15.71
CA PRO D 253 0.12 32.80 16.99
C PRO D 253 1.51 33.44 16.99
N ALA D 254 2.35 33.07 16.03
CA ALA D 254 3.69 33.56 16.00
C ALA D 254 3.86 34.77 15.03
N THR D 255 2.85 35.06 14.18
CA THR D 255 3.03 36.00 13.11
C THR D 255 3.68 37.33 13.61
N ASN D 256 3.21 37.84 14.72
CA ASN D 256 3.63 39.13 15.18
C ASN D 256 5.05 39.19 15.68
N ARG D 257 5.72 38.06 15.84
CA ARG D 257 7.15 38.01 16.17
C ARG D 257 8.07 38.30 14.95
N PHE D 258 7.52 38.21 13.75
CA PHE D 258 8.36 38.11 12.55
C PHE D 258 8.47 39.42 11.80
N ARG D 259 9.56 39.56 11.00
CA ARG D 259 9.75 40.74 10.20
C ARG D 259 8.80 40.85 9.06
N PHE D 260 8.43 39.72 8.44
CA PHE D 260 7.57 39.72 7.22
C PHE D 260 6.46 38.69 7.35
N HIS D 261 5.29 38.95 6.76
CA HIS D 261 4.22 37.99 6.63
C HIS D 261 3.70 38.06 5.19
N PHE D 262 3.89 37.03 4.41
CA PHE D 262 3.46 36.93 3.05
C PHE D 262 2.30 35.94 2.92
N GLN D 263 1.15 36.47 2.74
CA GLN D 263 -0.07 35.79 2.70
C GLN D 263 -0.30 35.12 1.36
N GLY D 264 -0.75 33.93 1.42
CA GLY D 264 -1.17 33.22 0.22
C GLY D 264 -0.60 31.83 0.20
N PRO D 265 -0.98 31.07 -0.90
CA PRO D 265 -0.53 29.69 -1.02
C PRO D 265 0.96 29.77 -1.37
N CYS D 266 1.72 28.94 -0.67
CA CYS D 266 3.16 29.03 -0.85
CA CYS D 266 3.16 28.92 -0.83
C CYS D 266 3.66 28.47 -2.17
N GLY D 267 2.82 27.70 -2.86
CA GLY D 267 3.15 27.30 -4.22
C GLY D 267 3.17 28.45 -5.21
N THR D 268 2.58 29.57 -4.83
CA THR D 268 2.64 30.82 -5.58
C THR D 268 3.65 31.76 -5.01
N THR D 269 3.66 31.94 -3.70
CA THR D 269 4.57 32.94 -3.16
C THR D 269 6.03 32.54 -3.09
N LEU D 270 6.32 31.26 -2.84
CA LEU D 270 7.72 30.93 -2.77
C LEU D 270 8.49 31.05 -4.10
N PRO D 271 7.90 30.61 -5.22
CA PRO D 271 8.62 30.83 -6.46
C PRO D 271 8.96 32.28 -6.77
N GLU D 272 8.08 33.19 -6.36
CA GLU D 272 8.34 34.61 -6.50
C GLU D 272 9.40 35.05 -5.54
N ALA D 273 9.27 34.72 -4.24
CA ALA D 273 10.23 35.13 -3.24
C ALA D 273 11.66 34.67 -3.47
N LEU D 274 11.76 33.41 -3.94
CA LEU D 274 13.04 32.71 -4.04
C LEU D 274 13.63 32.69 -5.46
N ALA D 275 13.05 33.48 -6.39
CA ALA D 275 13.52 33.50 -7.76
C ALA D 275 14.94 34.03 -7.88
#